data_4KRF
#
_entry.id   4KRF
#
_cell.length_a   70.390
_cell.length_b   97.730
_cell.length_c   72.700
_cell.angle_alpha   90.000
_cell.angle_beta   110.890
_cell.angle_gamma   90.000
#
_symmetry.space_group_name_H-M   'P 1 21 1'
#
loop_
_entity.id
_entity.type
_entity.pdbx_description
1 polymer 'Protein argonaute-1'
2 polymer "RNA (5'-R(P*UP*GP*AP*GP*GP*UP*AP*GP*UP*AP*GP*GP*UP*UP*GP*UP*AP*UP*AP*GP*UP*U)-3')"
3 water water
#
loop_
_entity_poly.entity_id
_entity_poly.type
_entity_poly.pdbx_seq_one_letter_code
_entity_poly.pdbx_strand_id
1 'polypeptide(L)'
;AMEAGPSGAAAGAYLPPLQQVFQAPRRPGIGTVGKPIKLLANYFEVDIPKIDVYHYEVDIKPDKCPRRVNREVVEYMVQH
FKPQIFGDRKPVYDGKKNIYTVTALPIGNERVDFEVTIPGEGKDRIFKVSIKWLAIVSWRMLHEALVSGQIPVPLESVQA
LDVAMRHLASMRYTPVGRSFFSPPEGYYHPLGGGREVWFGFHQSVRPAMWKMMLNIDVSATAFYKAQPVIEFMCEVLDIR
NIDEQPKPLTDSQRVRFTKEIKGLKVEVTHCGQMKRKYRVCNVTRRPASHQTFPLQLESGQTVECTVAQYFKQKYNLQLK
YPHLPCLQVGQEQKHTYLPLEVCNIVAGQRCIKKLTDNQTSTMIKATARSAPDRQEEISRLMKNASYNLDPYIQEFGIKV
KDDMTEVTGRVLPAPILQYGGRNRAIATPNQGVWDMRGKQFYNGIEIKVWAIACFAPQKQCREEVLKNFTDQLRKISKDA
GMPIQGQPCFCKYAQGADSVEPMFRHLKNTYSGLQLIIVILPGKTPVYAEVKRVGDTLLGMATQCVQVKNVVKTSPQTLS
NLCLKINVKLGGINNILVPHQRSAVFQQPVIFLGADVTHPPAGDGKKPSITAVVGSMDAHPSRYCATVRVQRPRQEIIED
LSYMVRELLIQFYKSTRFKPTRIIFYRDGVPEGQLPQILHYELLAIRDACIKLEKDYQPGITYIVVQKRHHTRLFCADKN
ERIGKSGNIPAGTTVDTNITHPFEFDFYLCSHAGIQGTSRPSHYYVLWDDNRFTADELQILTYQLCHTYVRCTRSVSIPA
PAYYARLVAFRARYHLVDKEHDSGEGSHISGQSNGRDPQALAKAVQVHQDTLRTMYFA
;
A
2 'polyribonucleotide' UGAGGUAGUAGGUUGUAUAGUU R
#
loop_
_chem_comp.id
_chem_comp.type
_chem_comp.name
_chem_comp.formula
A RNA linking ADENOSINE-5'-MONOPHOSPHATE 'C10 H14 N5 O7 P'
G RNA linking GUANOSINE-5'-MONOPHOSPHATE 'C10 H14 N5 O8 P'
U RNA linking URIDINE-5'-MONOPHOSPHATE 'C9 H13 N2 O9 P'
#
# COMPACT_ATOMS: atom_id res chain seq x y z
N LEU A 18 0.17 -7.73 24.65
CA LEU A 18 1.32 -8.63 24.68
C LEU A 18 2.48 -8.02 25.46
N GLN A 19 3.03 -8.80 26.38
CA GLN A 19 4.21 -8.38 27.13
C GLN A 19 5.41 -8.29 26.19
N GLN A 20 5.81 -7.08 25.84
CA GLN A 20 6.90 -6.88 24.90
C GLN A 20 8.23 -7.38 25.47
N VAL A 21 8.71 -8.48 24.92
CA VAL A 21 9.97 -9.09 25.36
C VAL A 21 11.15 -8.41 24.68
N PHE A 22 11.01 -8.14 23.38
CA PHE A 22 12.10 -7.57 22.60
C PHE A 22 11.97 -6.06 22.48
N GLN A 23 12.67 -5.34 23.35
CA GLN A 23 12.68 -3.89 23.31
C GLN A 23 13.53 -3.41 22.14
N ALA A 24 13.03 -2.41 21.41
CA ALA A 24 13.75 -1.84 20.29
C ALA A 24 15.04 -1.17 20.77
N PRO A 25 16.12 -1.33 20.00
CA PRO A 25 17.42 -0.74 20.38
C PRO A 25 17.41 0.78 20.33
N ARG A 26 18.13 1.40 21.26
CA ARG A 26 18.25 2.85 21.30
C ARG A 26 19.09 3.33 20.12
N ARG A 27 18.88 4.58 19.72
CA ARG A 27 19.71 5.18 18.67
C ARG A 27 21.15 5.25 19.15
N PRO A 28 22.06 4.56 18.46
CA PRO A 28 23.47 4.48 18.87
C PRO A 28 24.19 5.79 18.60
N GLY A 29 23.62 6.61 17.73
CA GLY A 29 24.20 7.91 17.40
C GLY A 29 23.54 8.47 16.15
N ILE A 30 23.97 9.66 15.74
CA ILE A 30 23.47 10.23 14.50
C ILE A 30 24.53 10.16 13.41
N GLY A 31 24.10 10.11 12.15
CA GLY A 31 25.02 10.02 11.04
C GLY A 31 25.85 11.27 10.87
N THR A 32 27.10 11.11 10.43
CA THR A 32 27.99 12.24 10.22
C THR A 32 28.48 12.30 8.77
N VAL A 33 28.24 11.23 8.03
CA VAL A 33 28.70 11.13 6.65
C VAL A 33 27.68 11.76 5.69
N GLY A 34 28.18 12.47 4.68
CA GLY A 34 27.33 13.01 3.64
C GLY A 34 27.31 14.52 3.57
N LYS A 35 26.99 15.06 2.39
CA LYS A 35 26.90 16.50 2.21
C LYS A 35 25.65 17.04 2.90
N PRO A 36 25.84 18.05 3.76
CA PRO A 36 24.71 18.64 4.48
C PRO A 36 23.72 19.30 3.54
N ILE A 37 22.43 19.13 3.81
CA ILE A 37 21.41 19.79 3.03
C ILE A 37 20.30 20.28 3.96
N LYS A 38 19.92 21.54 3.81
CA LYS A 38 18.89 22.12 4.65
C LYS A 38 17.51 21.76 4.13
N LEU A 39 16.67 21.24 5.01
CA LEU A 39 15.36 20.76 4.62
C LEU A 39 14.24 21.36 5.46
N LEU A 40 13.05 21.33 4.90
CA LEU A 40 11.83 21.61 5.65
C LEU A 40 11.02 20.33 5.69
N ALA A 41 10.39 20.07 6.82
CA ALA A 41 9.54 18.88 6.96
C ALA A 41 8.12 19.30 7.31
N ASN A 42 7.14 18.57 6.79
CA ASN A 42 5.73 18.83 7.14
C ASN A 42 5.42 18.36 8.56
N TYR A 43 6.28 18.74 9.49
CA TYR A 43 6.15 18.46 10.91
C TYR A 43 6.14 19.80 11.61
N PHE A 44 5.13 20.03 12.44
CA PHE A 44 4.97 21.31 13.10
C PHE A 44 5.05 21.12 14.61
N GLU A 45 5.93 21.88 15.25
CA GLU A 45 6.17 21.73 16.68
C GLU A 45 4.92 21.99 17.50
N VAL A 46 4.70 21.13 18.49
CA VAL A 46 3.57 21.27 19.39
C VAL A 46 4.07 21.47 20.81
N ASP A 47 3.62 22.55 21.44
CA ASP A 47 3.92 22.79 22.84
C ASP A 47 2.72 22.37 23.69
N ILE A 48 3.00 21.59 24.73
CA ILE A 48 1.96 21.09 25.61
C ILE A 48 2.22 21.55 27.04
N PRO A 49 1.15 21.76 27.82
CA PRO A 49 1.36 22.13 29.22
C PRO A 49 1.80 20.91 30.02
N LYS A 50 2.62 21.12 31.04
CA LYS A 50 3.10 20.03 31.87
C LYS A 50 2.07 19.73 32.96
N ILE A 51 0.93 19.21 32.56
CA ILE A 51 -0.20 19.01 33.47
C ILE A 51 -0.78 17.61 33.37
N ASP A 52 -1.67 17.30 34.30
CA ASP A 52 -2.44 16.06 34.25
C ASP A 52 -3.65 16.23 33.32
N VAL A 53 -3.99 15.16 32.63
CA VAL A 53 -5.16 15.12 31.77
C VAL A 53 -6.01 13.94 32.23
N TYR A 54 -7.33 14.10 32.21
CA TYR A 54 -8.22 13.11 32.80
C TYR A 54 -8.92 12.25 31.76
N HIS A 55 -8.76 10.94 31.90
CA HIS A 55 -9.26 9.99 30.92
C HIS A 55 -10.53 9.31 31.43
N TYR A 56 -11.60 9.42 30.67
CA TYR A 56 -12.86 8.80 31.03
C TYR A 56 -13.32 7.83 29.95
N GLU A 57 -13.97 6.75 30.38
CA GLU A 57 -14.51 5.77 29.45
C GLU A 57 -15.99 6.01 29.24
N VAL A 58 -16.42 6.05 27.99
CA VAL A 58 -17.83 6.23 27.68
C VAL A 58 -18.43 4.97 27.05
N ASP A 59 -19.48 4.45 27.65
CA ASP A 59 -20.12 3.24 27.18
C ASP A 59 -21.51 3.56 26.63
N ILE A 60 -21.66 3.45 25.32
CA ILE A 60 -22.91 3.79 24.66
C ILE A 60 -23.66 2.53 24.23
N LYS A 61 -24.96 2.49 24.52
CA LYS A 61 -25.82 1.41 24.03
C LYS A 61 -26.97 2.00 23.21
N PRO A 62 -27.17 1.49 21.98
CA PRO A 62 -26.45 0.40 21.30
C PRO A 62 -24.98 0.76 21.03
N ASP A 63 -24.12 -0.24 20.99
CA ASP A 63 -22.67 -0.03 20.98
C ASP A 63 -22.01 -0.25 19.63
N LYS A 64 -22.80 -0.51 18.60
CA LYS A 64 -22.24 -0.75 17.28
C LYS A 64 -22.62 0.34 16.27
N CYS A 65 -22.95 1.52 16.78
CA CYS A 65 -23.26 2.65 15.92
C CYS A 65 -21.99 3.20 15.31
N PRO A 66 -22.10 3.85 14.13
CA PRO A 66 -20.95 4.53 13.53
C PRO A 66 -20.37 5.57 14.48
N ARG A 67 -19.08 5.85 14.34
CA ARG A 67 -18.41 6.83 15.18
C ARG A 67 -19.08 8.20 15.09
N ARG A 68 -19.56 8.52 13.89
CA ARG A 68 -20.30 9.76 13.65
C ARG A 68 -21.47 9.89 14.61
N VAL A 69 -22.21 8.79 14.78
CA VAL A 69 -23.38 8.79 15.66
C VAL A 69 -22.95 8.88 17.13
N ASN A 70 -21.91 8.12 17.50
CA ASN A 70 -21.35 8.22 18.84
C ASN A 70 -20.98 9.65 19.19
N ARG A 71 -20.43 10.36 18.20
CA ARG A 71 -20.04 11.74 18.39
C ARG A 71 -21.24 12.64 18.61
N GLU A 72 -22.32 12.38 17.87
CA GLU A 72 -23.56 13.14 18.03
C GLU A 72 -24.13 12.93 19.42
N VAL A 73 -24.04 11.70 19.91
CA VAL A 73 -24.54 11.37 21.23
C VAL A 73 -23.77 12.12 22.32
N VAL A 74 -22.45 12.07 22.25
CA VAL A 74 -21.61 12.74 23.25
C VAL A 74 -21.74 14.25 23.16
N GLU A 75 -21.82 14.77 21.94
CA GLU A 75 -22.01 16.21 21.74
C GLU A 75 -23.31 16.69 22.37
N TYR A 76 -24.34 15.85 22.29
CA TYR A 76 -25.63 16.17 22.91
C TYR A 76 -25.47 16.24 24.42
N MET A 77 -24.77 15.27 24.98
CA MET A 77 -24.55 15.19 26.42
C MET A 77 -23.75 16.37 26.94
N VAL A 78 -22.72 16.75 26.20
CA VAL A 78 -21.85 17.86 26.58
C VAL A 78 -22.66 19.16 26.67
N GLN A 79 -23.63 19.31 25.79
CA GLN A 79 -24.43 20.52 25.74
C GLN A 79 -25.58 20.54 26.76
N HIS A 80 -26.13 19.37 27.06
CA HIS A 80 -27.30 19.28 27.93
C HIS A 80 -27.01 18.92 29.38
N PHE A 81 -25.77 18.57 29.68
CA PHE A 81 -25.43 18.14 31.03
C PHE A 81 -24.24 18.88 31.63
N LYS A 82 -24.23 20.21 31.49
CA LYS A 82 -23.14 21.03 32.04
C LYS A 82 -23.26 21.24 33.56
N PRO A 83 -24.41 21.73 34.06
CA PRO A 83 -24.47 21.94 35.52
C PRO A 83 -24.33 20.64 36.30
N GLN A 84 -24.70 19.52 35.69
CA GLN A 84 -24.60 18.22 36.34
C GLN A 84 -23.17 17.68 36.27
N ILE A 85 -22.62 17.63 35.07
CA ILE A 85 -21.38 16.88 34.84
C ILE A 85 -20.23 17.70 34.27
N PHE A 86 -20.41 18.22 33.06
CA PHE A 86 -19.29 18.78 32.31
C PHE A 86 -18.86 20.18 32.74
N GLY A 87 -19.78 20.94 33.34
CA GLY A 87 -19.47 22.31 33.71
C GLY A 87 -19.15 23.15 32.50
N ASP A 88 -18.09 23.94 32.59
CA ASP A 88 -17.67 24.77 31.46
C ASP A 88 -16.52 24.14 30.70
N ARG A 89 -16.24 22.87 30.98
CA ARG A 89 -15.16 22.16 30.32
C ARG A 89 -15.52 21.83 28.87
N LYS A 90 -14.50 21.67 28.04
CA LYS A 90 -14.69 21.24 26.67
C LYS A 90 -14.00 19.89 26.47
N PRO A 91 -14.75 18.79 26.64
CA PRO A 91 -14.19 17.45 26.50
C PRO A 91 -13.83 17.14 25.06
N VAL A 92 -12.84 16.28 24.87
CA VAL A 92 -12.53 15.77 23.54
C VAL A 92 -12.79 14.27 23.53
N TYR A 93 -13.10 13.74 22.34
CA TYR A 93 -13.66 12.40 22.23
C TYR A 93 -13.16 11.72 20.96
N ASP A 94 -12.87 10.42 21.06
CA ASP A 94 -12.33 9.69 19.92
C ASP A 94 -13.41 8.99 19.09
N GLY A 95 -14.67 9.26 19.42
CA GLY A 95 -15.77 8.68 18.67
C GLY A 95 -16.08 7.26 19.07
N LYS A 96 -15.42 6.78 20.13
CA LYS A 96 -15.62 5.42 20.60
C LYS A 96 -15.73 5.36 22.12
N LYS A 97 -14.66 4.93 22.78
CA LYS A 97 -14.68 4.71 24.22
C LYS A 97 -14.02 5.82 25.03
N ASN A 98 -13.27 6.69 24.38
CA ASN A 98 -12.36 7.57 25.11
C ASN A 98 -12.68 9.06 25.09
N ILE A 99 -12.90 9.62 26.28
CA ILE A 99 -13.11 11.04 26.46
C ILE A 99 -12.03 11.62 27.37
N TYR A 100 -11.54 12.81 27.04
CA TYR A 100 -10.55 13.49 27.87
C TYR A 100 -11.01 14.89 28.28
N THR A 101 -10.65 15.30 29.49
CA THR A 101 -10.90 16.66 29.96
C THR A 101 -9.64 17.24 30.60
N VAL A 102 -9.55 18.57 30.64
CA VAL A 102 -8.37 19.24 31.19
C VAL A 102 -8.35 19.24 32.72
N THR A 103 -9.54 19.18 33.32
CA THR A 103 -9.65 19.07 34.77
C THR A 103 -10.62 17.94 35.06
N ALA A 104 -10.53 17.38 36.26
CA ALA A 104 -11.38 16.25 36.65
C ALA A 104 -12.85 16.62 36.61
N LEU A 105 -13.67 15.70 36.13
CA LEU A 105 -15.12 15.86 36.18
C LEU A 105 -15.56 15.63 37.62
N PRO A 106 -16.51 16.45 38.11
CA PRO A 106 -16.96 16.37 39.49
C PRO A 106 -17.82 15.13 39.74
N ILE A 107 -17.30 13.96 39.40
CA ILE A 107 -18.03 12.72 39.62
C ILE A 107 -17.21 11.73 40.44
N GLY A 108 -17.89 10.94 41.26
CA GLY A 108 -17.24 9.90 42.04
C GLY A 108 -16.80 8.78 41.12
N ASN A 109 -17.76 7.93 40.74
CA ASN A 109 -17.51 6.83 39.83
C ASN A 109 -18.77 6.36 39.11
N GLU A 110 -18.68 6.23 37.79
CA GLU A 110 -19.73 5.62 36.96
C GLU A 110 -21.10 6.30 37.05
N ARG A 111 -21.39 7.18 36.10
CA ARG A 111 -22.73 7.75 35.97
C ARG A 111 -23.41 7.28 34.69
N VAL A 112 -24.65 6.81 34.83
CA VAL A 112 -25.41 6.28 33.71
C VAL A 112 -26.46 7.30 33.25
N ASP A 113 -26.53 7.52 31.95
CA ASP A 113 -27.47 8.48 31.39
C ASP A 113 -28.44 7.85 30.40
N PHE A 114 -29.56 8.51 30.16
CA PHE A 114 -30.61 8.02 29.28
C PHE A 114 -31.09 9.19 28.44
N GLU A 115 -30.67 9.24 27.18
CA GLU A 115 -30.92 10.40 26.35
C GLU A 115 -31.73 10.10 25.09
N VAL A 116 -32.46 11.11 24.62
CA VAL A 116 -33.23 10.99 23.40
C VAL A 116 -32.72 11.97 22.33
N THR A 117 -31.74 11.53 21.56
CA THR A 117 -31.17 12.35 20.50
C THR A 117 -32.13 12.41 19.32
N ILE A 118 -32.35 13.61 18.80
CA ILE A 118 -33.31 13.81 17.73
C ILE A 118 -32.66 13.64 16.35
N PRO A 119 -33.40 13.02 15.41
CA PRO A 119 -32.88 12.86 14.04
C PRO A 119 -32.76 14.19 13.30
N LYS A 123 -36.56 9.31 12.65
CA LYS A 123 -37.22 8.81 13.85
C LYS A 123 -36.37 9.03 15.09
N ASP A 124 -37.02 9.12 16.24
CA ASP A 124 -36.34 9.40 17.50
C ASP A 124 -35.36 8.30 17.88
N ARG A 125 -34.19 8.69 18.37
CA ARG A 125 -33.15 7.74 18.73
C ARG A 125 -32.80 7.80 20.21
N ILE A 126 -33.04 6.70 20.91
CA ILE A 126 -32.77 6.65 22.35
C ILE A 126 -31.50 5.87 22.66
N PHE A 127 -30.61 6.48 23.43
CA PHE A 127 -29.35 5.84 23.79
C PHE A 127 -29.20 5.73 25.30
N LYS A 128 -28.56 4.66 25.75
CA LYS A 128 -28.18 4.52 27.15
C LYS A 128 -26.67 4.71 27.25
N VAL A 129 -26.24 5.73 27.98
CA VAL A 129 -24.82 6.06 28.06
C VAL A 129 -24.32 6.04 29.50
N SER A 130 -23.15 5.45 29.71
CA SER A 130 -22.51 5.48 31.02
C SER A 130 -21.07 5.99 30.91
N ILE A 131 -20.67 6.81 31.87
CA ILE A 131 -19.34 7.41 31.89
C ILE A 131 -18.67 7.14 33.22
N LYS A 132 -17.41 6.71 33.18
CA LYS A 132 -16.64 6.48 34.40
C LYS A 132 -15.18 6.89 34.23
N TRP A 133 -14.57 7.35 35.31
CA TRP A 133 -13.15 7.68 35.31
C TRP A 133 -12.32 6.44 35.00
N LEU A 134 -11.29 6.60 34.17
CA LEU A 134 -10.46 5.48 33.79
C LEU A 134 -9.01 5.68 34.24
N ALA A 135 -8.46 6.86 33.99
CA ALA A 135 -7.06 7.12 34.34
C ALA A 135 -6.74 8.60 34.41
N ILE A 136 -5.62 8.91 35.07
CA ILE A 136 -5.03 10.24 34.98
C ILE A 136 -3.82 10.15 34.06
N VAL A 137 -3.83 10.95 33.01
CA VAL A 137 -2.76 10.91 32.02
C VAL A 137 -1.85 12.13 32.17
N SER A 138 -0.55 11.86 32.28
CA SER A 138 0.43 12.90 32.57
C SER A 138 1.13 13.43 31.32
N TRP A 139 0.96 14.72 31.04
CA TRP A 139 1.68 15.36 29.95
C TRP A 139 3.03 15.89 30.40
N ARG A 140 3.23 16.00 31.71
CA ARG A 140 4.55 16.31 32.24
C ARG A 140 5.48 15.13 31.98
N MET A 141 4.98 13.92 32.22
CA MET A 141 5.75 12.71 31.99
C MET A 141 6.09 12.57 30.51
N LEU A 142 5.17 13.00 29.64
CA LEU A 142 5.41 12.95 28.21
C LEU A 142 6.53 13.92 27.84
N HIS A 143 6.49 15.12 28.42
CA HIS A 143 7.52 16.13 28.17
C HIS A 143 8.89 15.65 28.63
N GLU A 144 8.94 15.01 29.80
CA GLU A 144 10.19 14.54 30.35
C GLU A 144 10.84 13.46 29.48
N ALA A 145 10.02 12.63 28.86
CA ALA A 145 10.51 11.61 27.95
C ALA A 145 11.15 12.24 26.70
N LEU A 146 10.50 13.29 26.19
CA LEU A 146 10.95 13.94 24.96
C LEU A 146 12.25 14.73 25.15
N VAL A 147 12.46 15.23 26.36
CA VAL A 147 13.64 16.05 26.64
C VAL A 147 14.84 15.24 27.15
N SER A 148 14.56 14.16 27.87
CA SER A 148 15.64 13.37 28.48
C SER A 148 16.00 12.15 27.64
N GLY A 149 15.03 11.26 27.47
CA GLY A 149 15.26 10.03 26.72
C GLY A 149 15.68 8.91 27.66
N GLN A 150 15.25 9.01 28.91
CA GLN A 150 15.59 8.02 29.92
C GLN A 150 14.37 7.23 30.39
N ILE A 151 13.21 7.53 29.80
CA ILE A 151 12.01 6.74 30.04
C ILE A 151 11.32 6.45 28.71
N PRO A 152 10.54 5.36 28.67
CA PRO A 152 9.71 5.08 27.48
C PRO A 152 8.69 6.19 27.26
N VAL A 153 8.37 6.48 25.99
CA VAL A 153 7.33 7.45 25.68
C VAL A 153 5.98 6.91 26.14
N PRO A 154 5.29 7.66 27.01
CA PRO A 154 3.98 7.22 27.50
C PRO A 154 2.91 7.32 26.41
N LEU A 155 2.57 6.18 25.81
CA LEU A 155 1.63 6.13 24.69
C LEU A 155 0.27 6.70 25.04
N GLU A 156 -0.15 6.52 26.29
CA GLU A 156 -1.47 6.98 26.72
C GLU A 156 -1.52 8.50 26.73
N SER A 157 -0.36 9.14 26.91
CA SER A 157 -0.26 10.59 26.88
C SER A 157 -0.31 11.10 25.45
N VAL A 158 0.35 10.38 24.55
CA VAL A 158 0.33 10.73 23.14
C VAL A 158 -1.08 10.63 22.58
N GLN A 159 -1.79 9.56 22.95
CA GLN A 159 -3.14 9.33 22.47
C GLN A 159 -4.07 10.45 22.90
N ALA A 160 -3.95 10.87 24.15
CA ALA A 160 -4.77 11.97 24.67
C ALA A 160 -4.55 13.23 23.85
N LEU A 161 -3.28 13.51 23.54
CA LEU A 161 -2.94 14.70 22.76
C LEU A 161 -3.51 14.61 21.34
N ASP A 162 -3.38 13.42 20.74
CA ASP A 162 -3.89 13.18 19.39
C ASP A 162 -5.40 13.42 19.33
N VAL A 163 -6.12 12.92 20.33
CA VAL A 163 -7.58 13.04 20.36
C VAL A 163 -8.00 14.50 20.50
N ALA A 164 -7.27 15.25 21.34
CA ALA A 164 -7.56 16.66 21.54
C ALA A 164 -7.37 17.48 20.25
N MET A 165 -6.33 17.17 19.50
CA MET A 165 -5.98 17.99 18.34
C MET A 165 -6.75 17.65 17.07
N ARG A 166 -7.48 16.53 17.09
CA ARG A 166 -8.27 16.13 15.92
C ARG A 166 -9.76 16.09 16.23
N HIS A 167 -10.14 16.54 17.43
CA HIS A 167 -11.54 16.51 17.86
C HIS A 167 -12.43 17.37 16.97
N LEU A 168 -12.01 18.62 16.75
CA LEU A 168 -12.81 19.55 15.97
C LEU A 168 -12.94 19.11 14.52
N ALA A 169 -11.83 18.70 13.91
CA ALA A 169 -11.83 18.24 12.53
C ALA A 169 -12.72 17.01 12.37
N SER A 170 -12.84 16.20 13.42
CA SER A 170 -13.66 15.00 13.40
C SER A 170 -15.15 15.34 13.45
N MET A 171 -15.47 16.54 13.93
CA MET A 171 -16.85 17.01 13.95
C MET A 171 -17.18 17.73 12.65
N ARG A 172 -16.17 18.40 12.08
CA ARG A 172 -16.37 19.21 10.88
C ARG A 172 -16.33 18.40 9.60
N TYR A 173 -15.37 17.48 9.51
CA TYR A 173 -15.13 16.77 8.26
C TYR A 173 -15.46 15.30 8.36
N THR A 174 -15.22 14.59 7.26
CA THR A 174 -15.40 13.15 7.23
C THR A 174 -14.06 12.46 7.45
N PRO A 175 -13.88 11.82 8.62
CA PRO A 175 -12.64 11.11 8.92
C PRO A 175 -12.49 9.83 8.10
N VAL A 176 -11.29 9.61 7.56
CA VAL A 176 -10.96 8.37 6.89
C VAL A 176 -9.57 7.96 7.36
N GLY A 177 -9.51 6.95 8.22
CA GLY A 177 -8.26 6.60 8.88
C GLY A 177 -7.79 7.80 9.68
N ARG A 178 -6.56 8.22 9.43
CA ARG A 178 -6.02 9.39 10.11
C ARG A 178 -6.15 10.65 9.27
N SER A 179 -6.96 10.57 8.22
CA SER A 179 -7.18 11.71 7.34
C SER A 179 -8.59 12.29 7.50
N PHE A 180 -8.80 13.45 6.88
CA PHE A 180 -10.09 14.12 6.89
C PHE A 180 -10.43 14.57 5.48
N PHE A 181 -11.67 14.37 5.08
CA PHE A 181 -12.13 14.74 3.75
C PHE A 181 -13.44 15.50 3.81
N SER A 182 -13.72 16.27 2.76
CA SER A 182 -14.97 17.00 2.63
C SER A 182 -15.38 16.99 1.17
N PRO A 183 -16.69 17.09 0.89
CA PRO A 183 -17.20 17.09 -0.48
C PRO A 183 -16.53 18.15 -1.36
N PRO A 184 -16.25 17.81 -2.62
CA PRO A 184 -15.63 18.71 -3.60
C PRO A 184 -16.38 20.04 -3.73
N GLU A 185 -15.64 21.13 -3.78
CA GLU A 185 -16.21 22.45 -3.89
C GLU A 185 -15.21 23.39 -4.55
N GLY A 186 -15.46 23.72 -5.82
CA GLY A 186 -14.53 24.53 -6.59
C GLY A 186 -13.68 23.66 -7.47
N TYR A 187 -13.82 22.35 -7.32
CA TYR A 187 -13.13 21.38 -8.16
C TYR A 187 -14.02 20.18 -8.42
N TYR A 188 -13.73 19.46 -9.50
CA TYR A 188 -14.49 18.27 -9.86
C TYR A 188 -13.66 17.31 -10.69
N HIS A 189 -13.35 16.15 -10.12
CA HIS A 189 -12.53 15.16 -10.80
C HIS A 189 -13.23 13.80 -10.85
N PRO A 190 -14.13 13.63 -11.83
CA PRO A 190 -14.78 12.33 -12.00
C PRO A 190 -13.80 11.29 -12.52
N LEU A 191 -13.90 10.06 -12.03
CA LEU A 191 -12.99 9.01 -12.45
C LEU A 191 -13.68 8.05 -13.43
N GLY A 192 -14.99 8.17 -13.53
CA GLY A 192 -15.78 7.22 -14.31
C GLY A 192 -16.21 6.08 -13.42
N GLY A 193 -17.22 5.34 -13.87
CA GLY A 193 -17.73 4.21 -13.10
C GLY A 193 -18.28 4.61 -11.75
N GLY A 194 -18.85 5.81 -11.67
CA GLY A 194 -19.50 6.27 -10.46
C GLY A 194 -18.56 6.70 -9.34
N ARG A 195 -17.32 7.01 -9.68
CA ARG A 195 -16.33 7.39 -8.67
C ARG A 195 -15.71 8.75 -8.97
N GLU A 196 -15.35 9.47 -7.92
CA GLU A 196 -14.72 10.78 -8.05
C GLU A 196 -13.62 10.95 -6.99
N VAL A 197 -12.82 11.99 -7.14
CA VAL A 197 -11.74 12.27 -6.20
C VAL A 197 -12.13 13.34 -5.19
N TRP A 198 -11.99 13.02 -3.90
CA TRP A 198 -12.13 14.04 -2.86
C TRP A 198 -10.75 14.44 -2.35
N PHE A 199 -10.57 15.73 -2.11
CA PHE A 199 -9.33 16.22 -1.51
C PHE A 199 -9.50 16.46 -0.02
N GLY A 200 -8.40 16.37 0.71
CA GLY A 200 -8.41 16.56 2.15
C GLY A 200 -7.00 16.59 2.70
N PHE A 201 -6.84 16.11 3.93
CA PHE A 201 -5.52 16.12 4.56
C PHE A 201 -5.34 15.01 5.58
N HIS A 202 -4.10 14.61 5.78
CA HIS A 202 -3.73 13.67 6.82
C HIS A 202 -3.27 14.45 8.04
N GLN A 203 -3.58 13.93 9.23
CA GLN A 203 -3.10 14.52 10.47
C GLN A 203 -2.70 13.43 11.46
N SER A 204 -1.49 13.55 11.99
CA SER A 204 -1.03 12.65 13.04
C SER A 204 -0.09 13.40 13.98
N VAL A 205 -0.05 12.95 15.23
CA VAL A 205 0.84 13.53 16.22
C VAL A 205 1.88 12.49 16.57
N ARG A 206 3.14 12.89 16.61
CA ARG A 206 4.24 11.95 16.73
C ARG A 206 5.31 12.50 17.66
N PRO A 207 5.85 11.64 18.53
CA PRO A 207 6.93 12.08 19.42
C PRO A 207 8.22 12.37 18.65
N ALA A 208 8.89 13.43 19.05
CA ALA A 208 10.22 13.74 18.54
C ALA A 208 11.07 14.20 19.71
N MET A 209 12.36 14.40 19.47
CA MET A 209 13.21 14.95 20.51
C MET A 209 12.66 16.32 20.92
N TRP A 210 12.64 16.59 22.22
CA TRP A 210 12.22 17.87 22.78
C TRP A 210 10.73 18.17 22.73
N LYS A 211 10.10 17.94 21.58
CA LYS A 211 8.69 18.30 21.41
C LYS A 211 7.90 17.29 20.59
N MET A 212 6.59 17.25 20.83
CA MET A 212 5.68 16.49 19.99
C MET A 212 5.58 17.20 18.65
N MET A 213 5.31 16.42 17.60
CA MET A 213 5.21 16.98 16.25
C MET A 213 3.85 16.72 15.62
N LEU A 214 3.28 17.77 15.03
CA LEU A 214 2.06 17.63 14.25
C LEU A 214 2.42 17.40 12.79
N ASN A 215 2.13 16.20 12.29
CA ASN A 215 2.44 15.84 10.91
C ASN A 215 1.22 16.07 10.02
N ILE A 216 1.35 16.99 9.07
CA ILE A 216 0.25 17.38 8.18
C ILE A 216 0.64 17.28 6.72
N ASP A 217 -0.15 16.54 5.95
CA ASP A 217 0.08 16.40 4.52
C ASP A 217 -1.24 16.45 3.78
N VAL A 218 -1.24 17.02 2.58
CA VAL A 218 -2.45 17.01 1.76
C VAL A 218 -2.66 15.60 1.23
N SER A 219 -3.92 15.25 0.99
CA SER A 219 -4.26 13.90 0.54
C SER A 219 -5.47 13.92 -0.37
N ALA A 220 -5.69 12.80 -1.06
CA ALA A 220 -6.81 12.67 -1.97
C ALA A 220 -7.15 11.21 -2.18
N THR A 221 -8.43 10.85 -2.01
CA THR A 221 -8.84 9.47 -2.16
C THR A 221 -10.14 9.36 -2.96
N ALA A 222 -10.47 8.14 -3.39
CA ALA A 222 -11.63 7.91 -4.24
C ALA A 222 -12.92 7.77 -3.43
N PHE A 223 -13.95 8.48 -3.88
CA PHE A 223 -15.28 8.38 -3.28
C PHE A 223 -16.32 8.07 -4.35
N TYR A 224 -17.37 7.35 -3.98
CA TYR A 224 -18.49 7.15 -4.87
C TYR A 224 -19.28 8.45 -5.00
N LYS A 225 -19.60 8.82 -6.23
CA LYS A 225 -20.34 10.05 -6.49
C LYS A 225 -21.74 9.98 -5.90
N ALA A 226 -22.23 11.10 -5.39
CA ALA A 226 -23.60 11.19 -4.91
C ALA A 226 -24.53 11.49 -6.07
N GLN A 227 -25.13 10.44 -6.64
CA GLN A 227 -25.96 10.59 -7.83
C GLN A 227 -27.05 9.52 -7.85
N PRO A 228 -28.07 9.68 -8.71
CA PRO A 228 -29.09 8.63 -8.85
C PRO A 228 -28.46 7.28 -9.22
N VAL A 229 -29.04 6.20 -8.71
CA VAL A 229 -28.53 4.86 -8.97
C VAL A 229 -28.54 4.54 -10.47
N ILE A 230 -29.58 5.01 -11.16
CA ILE A 230 -29.69 4.86 -12.61
C ILE A 230 -28.44 5.40 -13.31
N GLU A 231 -28.05 6.62 -12.96
CA GLU A 231 -26.89 7.25 -13.58
C GLU A 231 -25.60 6.55 -13.14
N PHE A 232 -25.57 6.07 -11.90
CA PHE A 232 -24.45 5.28 -11.39
C PHE A 232 -24.30 4.00 -12.21
N MET A 233 -25.43 3.36 -12.49
CA MET A 233 -25.45 2.14 -13.28
C MET A 233 -24.90 2.39 -14.68
N CYS A 234 -25.31 3.50 -15.28
CA CYS A 234 -24.90 3.84 -16.64
C CYS A 234 -23.40 4.13 -16.74
N GLU A 235 -22.81 4.62 -15.67
CA GLU A 235 -21.37 4.85 -15.65
C GLU A 235 -20.63 3.52 -15.52
N VAL A 236 -21.13 2.67 -14.61
CA VAL A 236 -20.54 1.36 -14.38
C VAL A 236 -20.61 0.46 -15.61
N LEU A 237 -21.78 0.43 -16.25
CA LEU A 237 -21.96 -0.41 -17.44
C LEU A 237 -21.59 0.31 -18.73
N ASP A 238 -21.12 1.54 -18.59
CA ASP A 238 -20.74 2.38 -19.73
C ASP A 238 -21.90 2.58 -20.70
N ILE A 239 -23.02 3.09 -20.18
CA ILE A 239 -24.20 3.34 -20.99
C ILE A 239 -24.38 4.85 -21.22
N ARG A 240 -24.35 5.24 -22.48
CA ARG A 240 -24.43 6.67 -22.84
C ARG A 240 -25.80 7.27 -22.57
N ASN A 241 -26.86 6.48 -22.78
CA ASN A 241 -28.22 6.97 -22.67
C ASN A 241 -29.19 5.87 -22.29
N ILE A 242 -29.75 5.98 -21.09
CA ILE A 242 -30.66 4.96 -20.57
C ILE A 242 -32.02 4.98 -21.29
N ASP A 243 -32.23 6.00 -22.12
CA ASP A 243 -33.52 6.18 -22.79
C ASP A 243 -33.51 5.85 -24.28
N GLU A 244 -32.33 5.59 -24.84
CA GLU A 244 -32.22 5.32 -26.26
C GLU A 244 -32.95 4.06 -26.71
N GLN A 245 -32.40 2.90 -26.36
CA GLN A 245 -33.02 1.63 -26.70
C GLN A 245 -33.26 0.80 -25.44
N PRO A 246 -34.25 1.21 -24.63
CA PRO A 246 -34.50 0.63 -23.31
C PRO A 246 -34.84 -0.85 -23.35
N LYS A 247 -34.05 -1.65 -22.65
CA LYS A 247 -34.24 -3.09 -22.60
C LYS A 247 -33.61 -3.65 -21.33
N PRO A 248 -34.11 -4.80 -20.84
CA PRO A 248 -33.58 -5.43 -19.64
C PRO A 248 -32.07 -5.64 -19.68
N LEU A 249 -31.43 -5.65 -18.52
CA LEU A 249 -30.00 -5.89 -18.45
C LEU A 249 -29.69 -7.35 -18.75
N THR A 250 -28.65 -7.59 -19.54
CA THR A 250 -28.19 -8.94 -19.81
C THR A 250 -27.61 -9.51 -18.53
N ASP A 251 -27.43 -10.83 -18.50
CA ASP A 251 -26.89 -11.50 -17.31
C ASP A 251 -25.51 -10.97 -16.93
N SER A 252 -24.68 -10.71 -17.95
CA SER A 252 -23.35 -10.15 -17.71
C SER A 252 -23.43 -8.75 -17.11
N GLN A 253 -24.35 -7.94 -17.65
CA GLN A 253 -24.53 -6.57 -17.18
C GLN A 253 -25.02 -6.53 -15.74
N ARG A 254 -25.91 -7.45 -15.39
CA ARG A 254 -26.47 -7.52 -14.05
C ARG A 254 -25.40 -7.85 -13.03
N VAL A 255 -24.65 -8.92 -13.29
CA VAL A 255 -23.56 -9.35 -12.43
C VAL A 255 -22.52 -8.24 -12.27
N ARG A 256 -22.20 -7.58 -13.38
CA ARG A 256 -21.25 -6.48 -13.37
C ARG A 256 -21.75 -5.33 -12.51
N PHE A 257 -23.01 -4.95 -12.72
CA PHE A 257 -23.65 -3.89 -11.93
C PHE A 257 -23.73 -4.30 -10.45
N THR A 258 -24.07 -5.56 -10.22
CA THR A 258 -24.24 -6.08 -8.87
C THR A 258 -22.95 -5.99 -8.06
N LYS A 259 -21.83 -6.37 -8.66
CA LYS A 259 -20.54 -6.35 -7.98
C LYS A 259 -20.11 -4.95 -7.55
N GLU A 260 -20.56 -3.94 -8.29
CA GLU A 260 -20.21 -2.56 -7.97
C GLU A 260 -21.09 -1.95 -6.89
N ILE A 261 -22.39 -2.26 -6.92
CA ILE A 261 -23.33 -1.60 -6.01
C ILE A 261 -23.60 -2.39 -4.73
N LYS A 262 -23.30 -3.68 -4.73
CA LYS A 262 -23.45 -4.50 -3.52
C LYS A 262 -22.56 -3.96 -2.40
N GLY A 263 -23.17 -3.72 -1.24
CA GLY A 263 -22.43 -3.22 -0.09
C GLY A 263 -22.55 -1.71 0.08
N LEU A 264 -22.95 -1.03 -0.98
CA LEU A 264 -23.10 0.42 -0.93
C LEU A 264 -24.43 0.83 -0.28
N LYS A 265 -24.45 2.04 0.27
CA LYS A 265 -25.66 2.59 0.86
C LYS A 265 -26.40 3.45 -0.14
N VAL A 266 -27.72 3.29 -0.21
CA VAL A 266 -28.55 4.14 -1.05
C VAL A 266 -29.63 4.83 -0.22
N GLU A 267 -30.17 5.92 -0.75
CA GLU A 267 -31.27 6.63 -0.12
C GLU A 267 -32.45 6.74 -1.08
N VAL A 268 -33.67 6.66 -0.54
CA VAL A 268 -34.86 6.70 -1.39
C VAL A 268 -35.46 8.11 -1.49
N THR A 269 -36.15 8.37 -2.60
CA THR A 269 -36.64 9.71 -2.89
C THR A 269 -38.15 9.79 -3.02
N HIS A 270 -38.85 8.66 -2.83
CA HIS A 270 -40.29 8.62 -3.04
C HIS A 270 -41.09 8.92 -1.76
N CYS A 271 -40.38 9.20 -0.68
CA CYS A 271 -41.03 9.49 0.59
C CYS A 271 -40.63 10.88 1.11
N GLY A 272 -40.38 11.79 0.18
CA GLY A 272 -39.98 13.14 0.54
C GLY A 272 -38.58 13.19 1.14
N LYS A 275 -36.73 10.07 3.19
CA LYS A 275 -35.32 10.15 2.82
C LYS A 275 -34.53 9.03 3.49
N ARG A 276 -35.18 7.89 3.66
CA ARG A 276 -34.61 6.75 4.37
C ARG A 276 -33.40 6.15 3.66
N LYS A 277 -32.42 5.69 4.44
CA LYS A 277 -31.23 5.06 3.89
C LYS A 277 -31.29 3.53 4.01
N TYR A 278 -30.74 2.86 3.00
CA TYR A 278 -30.66 1.41 2.99
C TYR A 278 -29.28 0.96 2.53
N ARG A 279 -28.89 -0.25 2.88
CA ARG A 279 -27.67 -0.84 2.33
C ARG A 279 -28.02 -1.94 1.34
N VAL A 280 -27.40 -1.90 0.16
CA VAL A 280 -27.68 -2.86 -0.89
C VAL A 280 -26.99 -4.19 -0.63
N CYS A 281 -27.79 -5.25 -0.52
CA CYS A 281 -27.23 -6.58 -0.29
C CYS A 281 -27.21 -7.42 -1.56
N ASN A 282 -28.03 -7.03 -2.53
CA ASN A 282 -28.09 -7.75 -3.81
C ASN A 282 -28.85 -6.97 -4.88
N VAL A 283 -28.83 -7.50 -6.09
CA VAL A 283 -29.62 -6.97 -7.20
C VAL A 283 -30.45 -8.09 -7.80
N THR A 284 -31.76 -7.90 -7.86
CA THR A 284 -32.67 -8.95 -8.32
C THR A 284 -32.42 -9.33 -9.77
N ARG A 285 -32.62 -10.62 -10.07
CA ARG A 285 -32.51 -11.08 -11.45
C ARG A 285 -33.71 -10.62 -12.26
N ARG A 286 -34.88 -10.66 -11.63
CA ARG A 286 -36.11 -10.23 -12.27
C ARG A 286 -36.23 -8.72 -12.27
N PRO A 287 -36.82 -8.15 -13.34
CA PRO A 287 -37.05 -6.71 -13.42
C PRO A 287 -38.15 -6.28 -12.46
N ALA A 288 -38.31 -4.97 -12.28
CA ALA A 288 -39.31 -4.42 -11.36
C ALA A 288 -40.73 -4.82 -11.75
N SER A 289 -40.94 -5.09 -13.04
CA SER A 289 -42.26 -5.47 -13.53
C SER A 289 -42.66 -6.88 -13.11
N HIS A 290 -41.67 -7.73 -12.83
CA HIS A 290 -41.93 -9.13 -12.54
C HIS A 290 -41.46 -9.60 -11.17
N GLN A 291 -40.58 -8.81 -10.53
CA GLN A 291 -40.11 -9.15 -9.20
C GLN A 291 -41.25 -9.06 -8.20
N THR A 292 -41.54 -10.16 -7.52
CA THR A 292 -42.67 -10.18 -6.60
C THR A 292 -42.23 -10.34 -5.14
N PHE A 293 -43.16 -10.04 -4.24
CA PHE A 293 -42.96 -10.24 -2.82
C PHE A 293 -44.33 -10.48 -2.19
N PRO A 294 -44.36 -11.27 -1.09
CA PRO A 294 -45.63 -11.51 -0.41
C PRO A 294 -46.14 -10.25 0.29
N LEU A 295 -47.31 -9.76 -0.14
CA LEU A 295 -47.92 -8.57 0.43
C LEU A 295 -49.26 -8.90 1.07
N GLN A 296 -49.44 -8.52 2.33
CA GLN A 296 -50.71 -8.74 2.98
C GLN A 296 -51.69 -7.61 2.67
N LEU A 297 -52.85 -7.98 2.14
CA LEU A 297 -53.89 -7.02 1.81
C LEU A 297 -54.71 -6.68 3.06
N GLU A 298 -55.71 -5.81 2.88
CA GLU A 298 -56.57 -5.42 4.00
C GLU A 298 -57.51 -6.56 4.37
N SER A 299 -57.70 -7.49 3.44
CA SER A 299 -58.56 -8.64 3.67
C SER A 299 -57.89 -9.65 4.61
N GLY A 300 -56.60 -9.47 4.85
CA GLY A 300 -55.83 -10.39 5.65
C GLY A 300 -55.12 -11.41 4.78
N GLN A 301 -55.59 -11.55 3.54
CA GLN A 301 -54.96 -12.44 2.58
C GLN A 301 -53.60 -11.91 2.14
N THR A 302 -52.64 -12.82 2.00
CA THR A 302 -51.33 -12.46 1.48
C THR A 302 -51.24 -12.91 0.03
N VAL A 303 -50.77 -12.02 -0.84
CA VAL A 303 -50.62 -12.33 -2.25
C VAL A 303 -49.24 -11.92 -2.74
N GLU A 304 -48.78 -12.57 -3.81
CA GLU A 304 -47.52 -12.19 -4.42
C GLU A 304 -47.71 -10.95 -5.29
N CYS A 305 -47.27 -9.81 -4.78
CA CYS A 305 -47.41 -8.54 -5.48
C CYS A 305 -46.08 -8.14 -6.09
N THR A 306 -46.11 -7.60 -7.30
CA THR A 306 -44.88 -7.12 -7.94
C THR A 306 -44.48 -5.76 -7.39
N VAL A 307 -43.19 -5.45 -7.51
CA VAL A 307 -42.67 -4.17 -7.04
C VAL A 307 -43.34 -3.01 -7.80
N ALA A 308 -43.48 -3.18 -9.11
CA ALA A 308 -44.14 -2.18 -9.94
C ALA A 308 -45.57 -1.93 -9.48
N GLN A 309 -46.33 -3.00 -9.27
CA GLN A 309 -47.71 -2.89 -8.81
C GLN A 309 -47.79 -2.23 -7.45
N TYR A 310 -46.90 -2.62 -6.55
CA TYR A 310 -46.86 -2.05 -5.21
C TYR A 310 -46.60 -0.55 -5.21
N PHE A 311 -45.61 -0.13 -6.00
CA PHE A 311 -45.24 1.29 -6.05
C PHE A 311 -46.30 2.15 -6.72
N LYS A 312 -47.08 1.55 -7.62
CA LYS A 312 -48.18 2.25 -8.26
C LYS A 312 -49.33 2.46 -7.28
N GLN A 313 -49.64 1.42 -6.51
CA GLN A 313 -50.77 1.48 -5.59
C GLN A 313 -50.44 2.28 -4.32
N LYS A 314 -49.26 2.05 -3.77
CA LYS A 314 -48.87 2.66 -2.51
C LYS A 314 -48.53 4.15 -2.65
N TYR A 315 -47.71 4.49 -3.65
CA TYR A 315 -47.19 5.85 -3.75
C TYR A 315 -47.64 6.58 -5.02
N ASN A 316 -48.57 5.97 -5.76
CA ASN A 316 -49.01 6.50 -7.04
C ASN A 316 -47.83 6.79 -7.96
N LEU A 317 -46.83 5.92 -7.94
CA LEU A 317 -45.64 6.12 -8.74
C LEU A 317 -45.62 5.18 -9.94
N GLN A 318 -45.55 5.78 -11.12
CA GLN A 318 -45.43 5.02 -12.35
C GLN A 318 -43.95 4.92 -12.71
N LEU A 319 -43.39 3.72 -12.59
CA LEU A 319 -41.98 3.50 -12.90
C LEU A 319 -41.69 3.77 -14.36
N LYS A 320 -40.62 4.52 -14.62
CA LYS A 320 -40.21 4.81 -15.99
C LYS A 320 -39.38 3.67 -16.55
N TYR A 321 -38.75 2.91 -15.65
CA TYR A 321 -37.89 1.81 -16.06
C TYR A 321 -38.24 0.50 -15.35
N PRO A 322 -39.42 -0.05 -15.63
CA PRO A 322 -39.83 -1.30 -14.96
C PRO A 322 -39.06 -2.50 -15.50
N HIS A 323 -38.40 -2.33 -16.64
CA HIS A 323 -37.62 -3.40 -17.26
C HIS A 323 -36.28 -3.58 -16.55
N LEU A 324 -35.88 -2.59 -15.76
CA LEU A 324 -34.62 -2.64 -15.02
C LEU A 324 -34.77 -3.40 -13.70
N PRO A 325 -33.67 -3.97 -13.19
CA PRO A 325 -33.72 -4.76 -11.96
C PRO A 325 -34.04 -3.91 -10.73
N CYS A 326 -34.24 -4.57 -9.60
CA CYS A 326 -34.43 -3.87 -8.33
C CYS A 326 -33.21 -4.04 -7.46
N LEU A 327 -33.02 -3.11 -6.52
CA LEU A 327 -32.02 -3.28 -5.48
C LEU A 327 -32.63 -4.02 -4.31
N GLN A 328 -31.99 -5.09 -3.88
CA GLN A 328 -32.41 -5.77 -2.67
C GLN A 328 -31.63 -5.19 -1.50
N VAL A 329 -32.35 -4.69 -0.50
CA VAL A 329 -31.72 -4.02 0.63
C VAL A 329 -32.12 -4.66 1.96
N GLY A 330 -31.43 -4.28 3.02
CA GLY A 330 -31.68 -4.84 4.33
C GLY A 330 -31.17 -6.25 4.42
N GLN A 331 -31.90 -7.11 5.12
CA GLN A 331 -31.50 -8.50 5.30
C GLN A 331 -31.86 -9.34 4.08
N GLU A 332 -30.88 -10.12 3.60
CA GLU A 332 -31.05 -10.95 2.41
C GLU A 332 -32.15 -11.99 2.62
N GLN A 333 -32.35 -12.38 3.87
CA GLN A 333 -33.34 -13.41 4.21
C GLN A 333 -34.76 -12.94 3.90
N LYS A 334 -34.96 -11.63 3.88
CA LYS A 334 -36.28 -11.08 3.60
C LYS A 334 -36.34 -10.39 2.24
N HIS A 335 -37.47 -9.75 1.95
CA HIS A 335 -37.78 -9.32 0.60
C HIS A 335 -38.08 -7.83 0.47
N THR A 336 -37.06 -7.00 0.67
CA THR A 336 -37.20 -5.56 0.49
C THR A 336 -36.52 -5.13 -0.81
N TYR A 337 -37.31 -4.77 -1.80
CA TYR A 337 -36.79 -4.43 -3.12
C TYR A 337 -37.06 -2.97 -3.49
N LEU A 338 -36.07 -2.31 -4.07
CA LEU A 338 -36.21 -0.92 -4.46
C LEU A 338 -35.92 -0.75 -5.94
N PRO A 339 -36.85 -0.13 -6.68
CA PRO A 339 -36.61 0.22 -8.08
C PRO A 339 -35.45 1.19 -8.14
N LEU A 340 -34.60 1.06 -9.15
CA LEU A 340 -33.40 1.89 -9.26
C LEU A 340 -33.72 3.38 -9.25
N GLU A 341 -34.83 3.74 -9.90
CA GLU A 341 -35.15 5.14 -10.15
C GLU A 341 -35.60 5.91 -8.92
N VAL A 342 -35.84 5.21 -7.81
CA VAL A 342 -36.20 5.89 -6.57
C VAL A 342 -35.02 5.89 -5.59
N CYS A 343 -33.83 5.55 -6.08
CA CYS A 343 -32.66 5.46 -5.22
C CYS A 343 -31.51 6.37 -5.65
N ASN A 344 -30.85 6.98 -4.67
CA ASN A 344 -29.62 7.73 -4.88
C ASN A 344 -28.47 7.07 -4.13
N ILE A 345 -27.27 7.13 -4.70
CA ILE A 345 -26.08 6.73 -3.98
C ILE A 345 -25.85 7.72 -2.85
N VAL A 346 -25.76 7.22 -1.62
CA VAL A 346 -25.51 8.08 -0.46
C VAL A 346 -24.16 8.76 -0.55
N ALA A 347 -24.12 10.06 -0.23
CA ALA A 347 -22.88 10.83 -0.28
C ALA A 347 -21.90 10.38 0.79
N GLY A 348 -20.62 10.63 0.55
CA GLY A 348 -19.59 10.43 1.55
C GLY A 348 -19.13 9.00 1.75
N GLN A 349 -19.36 8.15 0.77
CA GLN A 349 -18.89 6.77 0.85
C GLN A 349 -17.55 6.60 0.14
N ARG A 350 -16.52 6.30 0.92
CA ARG A 350 -15.18 6.06 0.38
C ARG A 350 -15.17 4.81 -0.49
N CYS A 351 -14.40 4.84 -1.58
CA CYS A 351 -14.27 3.67 -2.44
C CYS A 351 -13.09 2.80 -2.02
N ILE A 352 -13.40 1.62 -1.49
CA ILE A 352 -12.36 0.69 -1.05
C ILE A 352 -11.95 -0.26 -2.18
N LYS A 353 -12.86 -0.47 -3.13
CA LYS A 353 -12.60 -1.38 -4.25
C LYS A 353 -11.48 -0.85 -5.15
N LYS A 354 -10.79 -1.77 -5.83
CA LYS A 354 -9.70 -1.41 -6.72
C LYS A 354 -10.20 -0.60 -7.91
N LEU A 355 -9.42 0.40 -8.31
CA LEU A 355 -9.77 1.21 -9.47
C LEU A 355 -9.28 0.54 -10.75
N THR A 356 -9.98 0.78 -11.85
CA THR A 356 -9.53 0.30 -13.14
C THR A 356 -8.27 1.05 -13.54
N ASP A 357 -7.54 0.53 -14.53
CA ASP A 357 -6.32 1.16 -15.01
C ASP A 357 -6.60 2.58 -15.49
N ASN A 358 -7.76 2.78 -16.10
CA ASN A 358 -8.16 4.08 -16.61
C ASN A 358 -8.47 5.07 -15.49
N GLN A 359 -9.16 4.58 -14.47
CA GLN A 359 -9.50 5.39 -13.30
C GLN A 359 -8.24 5.77 -12.53
N THR A 360 -7.28 4.85 -12.47
CA THR A 360 -6.02 5.09 -11.78
C THR A 360 -5.26 6.22 -12.44
N SER A 361 -5.14 6.16 -13.76
CA SER A 361 -4.44 7.18 -14.53
C SER A 361 -5.07 8.57 -14.34
N THR A 362 -6.39 8.62 -14.40
CA THR A 362 -7.13 9.87 -14.24
C THR A 362 -6.90 10.47 -12.86
N MET A 363 -6.92 9.63 -11.84
CA MET A 363 -6.75 10.08 -10.46
C MET A 363 -5.33 10.57 -10.18
N ILE A 364 -4.35 9.81 -10.64
CA ILE A 364 -2.95 10.21 -10.49
C ILE A 364 -2.70 11.55 -11.16
N LYS A 365 -3.31 11.72 -12.33
CA LYS A 365 -3.20 12.96 -13.09
C LYS A 365 -3.75 14.16 -12.33
N ALA A 366 -4.91 13.97 -11.71
CA ALA A 366 -5.60 15.06 -11.03
C ALA A 366 -5.05 15.36 -9.64
N THR A 367 -4.21 14.48 -9.12
CA THR A 367 -3.71 14.60 -7.76
C THR A 367 -2.20 14.81 -7.70
N ALA A 368 -1.55 14.69 -8.85
CA ALA A 368 -0.11 14.88 -8.93
C ALA A 368 0.28 16.29 -8.53
N ARG A 369 1.21 16.40 -7.59
CA ARG A 369 1.69 17.69 -7.12
C ARG A 369 3.21 17.67 -7.01
N SER A 370 3.86 18.64 -7.65
CA SER A 370 5.30 18.81 -7.48
C SER A 370 5.58 19.15 -6.03
N ALA A 371 6.80 18.87 -5.58
CA ALA A 371 7.20 19.16 -4.20
C ALA A 371 6.99 20.62 -3.78
N PRO A 372 7.39 21.59 -4.64
CA PRO A 372 7.11 22.98 -4.27
C PRO A 372 5.60 23.27 -4.13
N ASP A 373 4.79 22.67 -4.99
CA ASP A 373 3.35 22.88 -4.92
C ASP A 373 2.71 22.25 -3.69
N ARG A 374 3.14 21.04 -3.35
CA ARG A 374 2.64 20.37 -2.15
C ARG A 374 3.05 21.15 -0.91
N GLN A 375 4.30 21.60 -0.91
CA GLN A 375 4.85 22.41 0.17
C GLN A 375 3.97 23.64 0.44
N GLU A 376 3.60 24.33 -0.63
CA GLU A 376 2.75 25.51 -0.53
C GLU A 376 1.34 25.17 -0.06
N GLU A 377 0.80 24.05 -0.55
CA GLU A 377 -0.54 23.62 -0.14
C GLU A 377 -0.58 23.31 1.36
N ILE A 378 0.45 22.65 1.85
CA ILE A 378 0.53 22.32 3.26
C ILE A 378 0.62 23.59 4.10
N SER A 379 1.48 24.51 3.67
CA SER A 379 1.63 25.79 4.34
C SER A 379 0.30 26.55 4.35
N ARG A 380 -0.34 26.59 3.19
CA ARG A 380 -1.62 27.28 3.04
C ARG A 380 -2.68 26.67 3.95
N LEU A 381 -2.68 25.33 4.03
CA LEU A 381 -3.61 24.62 4.89
C LEU A 381 -3.41 25.02 6.34
N MET A 382 -2.15 25.04 6.78
CA MET A 382 -1.82 25.37 8.17
C MET A 382 -2.21 26.80 8.53
N LYS A 383 -2.00 27.73 7.61
CA LYS A 383 -2.36 29.13 7.83
C LYS A 383 -3.87 29.27 7.98
N ASN A 384 -4.61 28.63 7.07
CA ASN A 384 -6.08 28.71 7.08
C ASN A 384 -6.72 27.91 8.21
N ALA A 385 -5.99 26.90 8.70
CA ALA A 385 -6.52 26.03 9.75
C ALA A 385 -6.63 26.76 11.08
N SER A 386 -5.66 27.62 11.36
CA SER A 386 -5.60 28.35 12.64
C SER A 386 -5.76 27.43 13.85
N TYR A 387 -4.84 26.47 13.98
CA TYR A 387 -4.89 25.50 15.08
C TYR A 387 -4.94 26.16 16.46
N ASN A 388 -4.30 27.31 16.58
CA ASN A 388 -4.27 28.03 17.85
C ASN A 388 -5.61 28.69 18.20
N LEU A 389 -6.53 28.71 17.24
CA LEU A 389 -7.87 29.26 17.47
C LEU A 389 -8.91 28.16 17.66
N ASP A 390 -8.46 26.90 17.61
CA ASP A 390 -9.30 25.76 17.95
C ASP A 390 -9.59 25.83 19.44
N PRO A 391 -10.89 25.89 19.80
CA PRO A 391 -11.32 26.05 21.20
C PRO A 391 -10.98 24.84 22.06
N TYR A 392 -10.87 23.67 21.45
CA TYR A 392 -10.48 22.47 22.18
C TYR A 392 -8.97 22.44 22.40
N ILE A 393 -8.23 22.90 21.39
CA ILE A 393 -6.79 23.04 21.50
C ILE A 393 -6.44 24.10 22.55
N GLN A 394 -7.21 25.20 22.57
CA GLN A 394 -7.04 26.24 23.59
C GLN A 394 -7.41 25.72 24.97
N GLU A 395 -8.50 24.96 25.04
CA GLU A 395 -8.94 24.33 26.29
C GLU A 395 -7.81 23.55 26.94
N PHE A 396 -7.05 22.82 26.13
CA PHE A 396 -5.95 22.00 26.62
C PHE A 396 -4.60 22.72 26.66
N GLY A 397 -4.62 24.04 26.44
CA GLY A 397 -3.41 24.84 26.53
C GLY A 397 -2.32 24.44 25.54
N ILE A 398 -2.74 23.93 24.39
CA ILE A 398 -1.83 23.46 23.37
C ILE A 398 -1.50 24.59 22.38
N LYS A 399 -0.24 24.67 21.97
CA LYS A 399 0.16 25.63 20.94
C LYS A 399 0.88 24.94 19.79
N VAL A 400 0.60 25.39 18.57
CA VAL A 400 1.19 24.79 17.39
C VAL A 400 2.01 25.81 16.62
N LYS A 401 3.23 25.45 16.27
CA LYS A 401 4.11 26.35 15.51
C LYS A 401 3.58 26.47 14.09
N ASP A 402 3.67 27.67 13.53
CA ASP A 402 3.08 27.96 12.24
C ASP A 402 3.90 27.44 11.07
N ASP A 403 5.21 27.37 11.25
CA ASP A 403 6.11 27.06 10.16
C ASP A 403 6.64 25.63 10.21
N MET A 404 7.00 25.10 9.04
CA MET A 404 7.56 23.76 8.94
C MET A 404 8.87 23.65 9.72
N THR A 405 9.07 22.49 10.35
CA THR A 405 10.28 22.24 11.09
C THR A 405 11.49 22.24 10.15
N GLU A 406 12.52 22.98 10.53
CA GLU A 406 13.77 22.99 9.78
C GLU A 406 14.64 21.84 10.25
N VAL A 407 15.21 21.10 9.31
CA VAL A 407 16.08 20.00 9.63
C VAL A 407 17.23 19.90 8.63
N THR A 408 18.44 19.74 9.14
CA THR A 408 19.60 19.56 8.28
C THR A 408 19.77 18.08 7.97
N GLY A 409 19.52 17.70 6.73
CA GLY A 409 19.71 16.33 6.29
C GLY A 409 21.11 16.14 5.74
N ARG A 410 21.40 14.93 5.29
CA ARG A 410 22.69 14.63 4.67
C ARG A 410 22.48 13.81 3.42
N VAL A 411 23.11 14.22 2.32
CA VAL A 411 23.11 13.43 1.11
C VAL A 411 24.24 12.41 1.14
N LEU A 412 23.89 11.14 1.34
CA LEU A 412 24.87 10.06 1.38
C LEU A 412 25.58 9.90 0.04
N PRO A 413 26.84 9.46 0.07
CA PRO A 413 27.56 9.19 -1.18
C PRO A 413 27.06 7.89 -1.80
N ALA A 414 26.87 7.89 -3.11
CA ALA A 414 26.38 6.71 -3.81
C ALA A 414 27.53 5.72 -4.02
N PRO A 415 27.23 4.42 -3.99
CA PRO A 415 28.29 3.43 -4.23
C PRO A 415 28.65 3.39 -5.71
N ILE A 416 29.86 2.94 -6.00
CA ILE A 416 30.27 2.71 -7.37
C ILE A 416 29.91 1.27 -7.74
N LEU A 417 29.45 1.05 -8.96
CA LEU A 417 29.10 -0.29 -9.39
C LEU A 417 30.14 -0.86 -10.35
N GLN A 418 30.46 -2.13 -10.17
CA GLN A 418 31.47 -2.80 -10.96
C GLN A 418 30.84 -3.63 -12.08
N TYR A 419 31.27 -3.38 -13.31
CA TYR A 419 30.79 -4.15 -14.46
C TYR A 419 31.87 -5.08 -14.98
N GLY A 420 31.51 -5.91 -15.97
CA GLY A 420 32.42 -6.91 -16.48
C GLY A 420 32.91 -6.67 -17.89
N GLY A 421 33.01 -7.74 -18.67
CA GLY A 421 33.59 -7.65 -20.01
C GLY A 421 35.08 -7.47 -19.93
N ARG A 422 35.73 -7.22 -21.07
CA ARG A 422 37.19 -7.11 -21.08
C ARG A 422 37.69 -5.77 -20.55
N ASN A 423 36.81 -4.77 -20.50
CA ASN A 423 37.22 -3.45 -20.01
C ASN A 423 36.89 -3.24 -18.53
N ARG A 424 35.98 -4.05 -18.01
CA ARG A 424 35.63 -4.04 -16.58
C ARG A 424 35.29 -2.63 -16.09
N ALA A 425 34.38 -1.97 -16.79
CA ALA A 425 34.04 -0.58 -16.48
C ALA A 425 33.35 -0.48 -15.12
N ILE A 426 33.46 0.71 -14.53
CA ILE A 426 32.70 1.02 -13.33
C ILE A 426 31.62 2.04 -13.68
N ALA A 427 30.56 2.09 -12.87
CA ALA A 427 29.52 3.07 -13.06
C ALA A 427 29.44 3.96 -11.83
N THR A 428 29.33 5.26 -12.06
CA THR A 428 29.22 6.22 -10.96
C THR A 428 27.86 6.90 -11.04
N PRO A 429 26.97 6.57 -10.10
CA PRO A 429 25.61 7.14 -10.09
C PRO A 429 25.65 8.66 -10.01
N ASN A 430 24.82 9.31 -10.83
CA ASN A 430 24.66 10.75 -10.74
C ASN A 430 23.19 11.09 -10.58
N GLN A 431 22.86 11.72 -9.46
CA GLN A 431 21.48 12.03 -9.12
C GLN A 431 20.59 10.79 -9.14
N GLY A 432 21.15 9.69 -8.63
CA GLY A 432 20.41 8.43 -8.49
C GLY A 432 20.28 7.61 -9.75
N VAL A 433 21.10 7.91 -10.76
CA VAL A 433 20.97 7.26 -12.06
C VAL A 433 22.35 6.97 -12.68
N TRP A 434 22.44 5.85 -13.41
CA TRP A 434 23.59 5.59 -14.28
C TRP A 434 23.12 4.83 -15.51
N ASP A 435 24.03 4.50 -16.41
CA ASP A 435 23.67 3.68 -17.57
C ASP A 435 24.77 2.69 -17.93
N MET A 436 24.50 1.83 -18.92
CA MET A 436 25.45 0.81 -19.32
C MET A 436 26.23 1.17 -20.58
N ARG A 437 26.30 2.45 -20.92
CA ARG A 437 27.05 2.87 -22.10
C ARG A 437 28.54 2.56 -21.91
N GLY A 438 29.09 1.76 -22.82
CA GLY A 438 30.47 1.34 -22.73
C GLY A 438 30.71 0.34 -21.61
N LYS A 439 29.64 -0.32 -21.16
CA LYS A 439 29.74 -1.27 -20.07
C LYS A 439 29.09 -2.60 -20.41
N GLN A 440 29.65 -3.69 -19.89
CA GLN A 440 29.08 -5.01 -20.11
C GLN A 440 28.84 -5.72 -18.78
N PHE A 441 27.89 -6.64 -18.77
CA PHE A 441 27.49 -7.36 -17.55
C PHE A 441 28.67 -7.99 -16.82
N TYR A 442 28.63 -7.92 -15.49
CA TYR A 442 29.66 -8.51 -14.64
C TYR A 442 29.84 -9.99 -14.98
N ASN A 443 28.71 -10.69 -15.09
CA ASN A 443 28.70 -12.06 -15.60
C ASN A 443 27.57 -12.21 -16.61
N GLY A 444 27.90 -12.01 -17.88
CA GLY A 444 26.91 -12.08 -18.94
C GLY A 444 26.72 -13.47 -19.49
N ILE A 445 25.47 -13.88 -19.66
CA ILE A 445 25.13 -15.18 -20.20
C ILE A 445 25.08 -15.14 -21.72
N GLU A 446 25.65 -16.14 -22.38
CA GLU A 446 25.49 -16.27 -23.81
C GLU A 446 24.24 -17.09 -24.12
N ILE A 447 23.39 -16.56 -24.98
CA ILE A 447 22.11 -17.20 -25.28
C ILE A 447 22.20 -18.00 -26.58
N LYS A 448 22.37 -19.31 -26.43
CA LYS A 448 22.51 -20.22 -27.55
C LYS A 448 21.15 -20.65 -28.12
N VAL A 449 20.27 -21.09 -27.23
CA VAL A 449 18.97 -21.61 -27.65
C VAL A 449 17.82 -20.81 -27.04
N TRP A 450 17.02 -20.21 -27.89
CA TRP A 450 15.92 -19.36 -27.45
C TRP A 450 14.79 -19.35 -28.48
N ALA A 451 13.56 -19.12 -28.01
CA ALA A 451 12.40 -19.17 -28.89
C ALA A 451 11.51 -17.94 -28.77
N ILE A 452 10.69 -17.71 -29.80
CA ILE A 452 9.76 -16.58 -29.79
C ILE A 452 8.32 -17.04 -29.96
N ALA A 453 7.45 -16.64 -29.05
CA ALA A 453 6.03 -16.92 -29.16
C ALA A 453 5.27 -15.61 -29.27
N CYS A 454 4.65 -15.38 -30.43
CA CYS A 454 3.93 -14.12 -30.65
C CYS A 454 2.43 -14.30 -30.49
N PHE A 455 1.88 -13.73 -29.42
CA PHE A 455 0.45 -13.83 -29.15
C PHE A 455 -0.32 -12.62 -29.68
N ALA A 456 0.41 -11.68 -30.27
CA ALA A 456 -0.22 -10.60 -31.01
C ALA A 456 -0.52 -11.13 -32.41
N PRO A 457 -1.68 -10.75 -32.97
CA PRO A 457 -2.06 -11.21 -34.32
C PRO A 457 -1.05 -10.77 -35.37
N GLN A 458 -0.97 -11.52 -36.47
CA GLN A 458 0.03 -11.28 -37.50
C GLN A 458 -0.08 -9.89 -38.13
N LYS A 459 -1.31 -9.46 -38.43
CA LYS A 459 -1.52 -8.15 -39.04
C LYS A 459 -1.11 -7.02 -38.10
N GLN A 460 -1.05 -7.32 -36.80
CA GLN A 460 -0.67 -6.35 -35.79
C GLN A 460 0.84 -6.43 -35.52
N CYS A 461 1.43 -7.56 -35.88
CA CYS A 461 2.86 -7.78 -35.65
C CYS A 461 3.43 -8.71 -36.73
N ARG A 462 3.64 -8.16 -37.92
CA ARG A 462 4.06 -8.95 -39.08
C ARG A 462 5.44 -9.58 -38.89
N GLU A 463 5.77 -10.55 -39.75
CA GLU A 463 7.04 -11.25 -39.71
C GLU A 463 8.22 -10.28 -39.81
N GLU A 464 8.05 -9.27 -40.66
CA GLU A 464 9.09 -8.26 -40.87
C GLU A 464 9.37 -7.48 -39.59
N VAL A 465 8.31 -7.22 -38.82
CA VAL A 465 8.44 -6.54 -37.54
C VAL A 465 9.20 -7.41 -36.55
N LEU A 466 8.90 -8.72 -36.57
CA LEU A 466 9.59 -9.67 -35.70
C LEU A 466 11.09 -9.69 -35.97
N LYS A 467 11.45 -9.77 -37.24
CA LYS A 467 12.85 -9.82 -37.65
C LYS A 467 13.62 -8.57 -37.25
N ASN A 468 12.99 -7.41 -37.40
CA ASN A 468 13.63 -6.16 -37.00
C ASN A 468 13.83 -6.10 -35.49
N PHE A 469 12.82 -6.55 -34.75
CA PHE A 469 12.91 -6.58 -33.29
C PHE A 469 14.06 -7.46 -32.82
N THR A 470 14.10 -8.69 -33.32
CA THR A 470 15.13 -9.63 -32.89
C THR A 470 16.53 -9.17 -33.32
N ASP A 471 16.62 -8.49 -34.46
CA ASP A 471 17.89 -7.96 -34.93
C ASP A 471 18.40 -6.88 -33.98
N GLN A 472 17.54 -5.90 -33.70
CA GLN A 472 17.90 -4.81 -32.80
C GLN A 472 18.22 -5.33 -31.40
N LEU A 473 17.56 -6.41 -31.00
CA LEU A 473 17.78 -6.99 -29.68
C LEU A 473 19.13 -7.70 -29.60
N ARG A 474 19.47 -8.48 -30.63
CA ARG A 474 20.73 -9.19 -30.65
C ARG A 474 21.93 -8.25 -30.61
N LYS A 475 21.79 -7.08 -31.24
CA LYS A 475 22.86 -6.09 -31.25
C LYS A 475 23.03 -5.45 -29.88
N ILE A 476 21.91 -5.01 -29.30
CA ILE A 476 21.92 -4.40 -27.97
C ILE A 476 22.47 -5.39 -26.94
N SER A 477 22.07 -6.65 -27.05
CA SER A 477 22.50 -7.68 -26.12
C SER A 477 24.00 -7.96 -26.24
N LYS A 478 24.52 -7.84 -27.45
CA LYS A 478 25.94 -8.06 -27.68
C LYS A 478 26.78 -6.95 -27.04
N ASP A 479 26.33 -5.71 -27.20
CA ASP A 479 27.01 -4.58 -26.59
C ASP A 479 26.93 -4.62 -25.07
N ALA A 480 25.91 -5.28 -24.55
CA ALA A 480 25.71 -5.36 -23.11
C ALA A 480 26.43 -6.56 -22.49
N GLY A 481 27.03 -7.38 -23.34
CA GLY A 481 27.78 -8.53 -22.88
C GLY A 481 26.92 -9.76 -22.62
N MET A 482 25.75 -9.79 -23.24
CA MET A 482 24.86 -10.94 -23.16
C MET A 482 24.58 -11.43 -24.57
N PRO A 483 25.57 -12.08 -25.20
CA PRO A 483 25.49 -12.39 -26.63
C PRO A 483 24.38 -13.39 -26.96
N ILE A 484 23.54 -13.02 -27.92
CA ILE A 484 22.52 -13.91 -28.43
C ILE A 484 23.01 -14.48 -29.75
N GLN A 485 23.39 -15.76 -29.74
CA GLN A 485 23.93 -16.40 -30.92
C GLN A 485 22.83 -16.80 -31.91
N GLY A 486 22.96 -16.33 -33.14
CA GLY A 486 22.08 -16.73 -34.22
C GLY A 486 20.62 -16.40 -34.04
N GLN A 487 19.79 -17.01 -34.87
CA GLN A 487 18.35 -16.78 -34.89
C GLN A 487 17.65 -17.64 -33.84
N PRO A 488 16.38 -17.32 -33.52
CA PRO A 488 15.66 -18.19 -32.58
C PRO A 488 15.44 -19.57 -33.19
N CYS A 489 15.40 -20.59 -32.34
CA CYS A 489 15.20 -21.96 -32.81
C CYS A 489 13.76 -22.18 -33.25
N PHE A 490 12.88 -21.29 -32.82
CA PHE A 490 11.45 -21.42 -33.05
C PHE A 490 10.76 -20.05 -33.00
N CYS A 491 9.88 -19.81 -33.96
CA CYS A 491 9.11 -18.58 -33.99
C CYS A 491 7.75 -18.84 -34.62
N LYS A 492 6.68 -18.57 -33.88
CA LYS A 492 5.34 -18.87 -34.36
C LYS A 492 4.28 -18.01 -33.68
N TYR A 493 3.17 -17.78 -34.39
CA TYR A 493 2.03 -17.05 -33.85
C TYR A 493 1.10 -18.00 -33.10
N ALA A 494 0.36 -17.44 -32.15
CA ALA A 494 -0.60 -18.21 -31.36
C ALA A 494 -1.67 -17.29 -30.78
N GLN A 495 -2.85 -17.85 -30.54
CA GLN A 495 -3.97 -17.07 -30.01
C GLN A 495 -4.52 -17.69 -28.73
N GLY A 496 -4.72 -16.87 -27.71
CA GLY A 496 -5.39 -17.31 -26.50
C GLY A 496 -4.50 -18.02 -25.49
N ALA A 497 -4.86 -17.90 -24.22
CA ALA A 497 -4.09 -18.49 -23.13
C ALA A 497 -4.09 -20.01 -23.18
N ASP A 498 -5.11 -20.59 -23.79
CA ASP A 498 -5.19 -22.05 -23.92
C ASP A 498 -4.06 -22.62 -24.77
N SER A 499 -3.42 -21.76 -25.57
CA SER A 499 -2.34 -22.21 -26.45
C SER A 499 -0.98 -22.24 -25.76
N VAL A 500 -0.89 -21.63 -24.58
CA VAL A 500 0.39 -21.50 -23.89
C VAL A 500 1.01 -22.84 -23.50
N GLU A 501 0.31 -23.61 -22.68
CA GLU A 501 0.84 -24.88 -22.19
C GLU A 501 1.23 -25.88 -23.29
N PRO A 502 0.37 -26.09 -24.32
CA PRO A 502 0.76 -27.01 -25.39
C PRO A 502 2.06 -26.60 -26.09
N MET A 503 2.18 -25.32 -26.43
CA MET A 503 3.38 -24.84 -27.10
C MET A 503 4.61 -24.94 -26.20
N PHE A 504 4.46 -24.50 -24.95
CA PHE A 504 5.56 -24.51 -23.99
C PHE A 504 6.05 -25.93 -23.72
N ARG A 505 5.13 -26.87 -23.56
CA ARG A 505 5.50 -28.27 -23.37
C ARG A 505 6.20 -28.81 -24.61
N HIS A 506 5.69 -28.43 -25.78
CA HIS A 506 6.32 -28.83 -27.04
C HIS A 506 7.72 -28.26 -27.13
N LEU A 507 7.87 -26.98 -26.81
CA LEU A 507 9.17 -26.32 -26.83
C LEU A 507 10.17 -27.03 -25.93
N LYS A 508 9.75 -27.34 -24.70
CA LYS A 508 10.63 -27.98 -23.73
C LYS A 508 11.08 -29.36 -24.20
N ASN A 509 10.22 -30.04 -24.93
CA ASN A 509 10.51 -31.40 -25.38
C ASN A 509 11.22 -31.47 -26.72
N THR A 510 11.10 -30.42 -27.52
CA THR A 510 11.64 -30.43 -28.88
C THR A 510 13.02 -29.79 -28.97
N TYR A 511 13.19 -28.64 -28.35
CA TYR A 511 14.44 -27.90 -28.46
C TYR A 511 15.32 -28.04 -27.21
N SER A 512 16.26 -28.97 -27.28
CA SER A 512 17.16 -29.24 -26.16
C SER A 512 18.07 -28.06 -25.85
N GLY A 513 18.23 -27.75 -24.57
CA GLY A 513 19.08 -26.67 -24.14
C GLY A 513 18.38 -25.31 -24.20
N LEU A 514 17.07 -25.33 -24.41
CA LEU A 514 16.28 -24.11 -24.48
C LEU A 514 16.44 -23.26 -23.23
N GLN A 515 16.95 -22.05 -23.40
CA GLN A 515 17.26 -21.17 -22.27
C GLN A 515 16.18 -20.13 -22.02
N LEU A 516 15.46 -19.74 -23.07
CA LEU A 516 14.54 -18.61 -22.96
C LEU A 516 13.43 -18.62 -24.01
N ILE A 517 12.23 -18.27 -23.57
CA ILE A 517 11.13 -18.01 -24.49
C ILE A 517 10.75 -16.54 -24.40
N ILE A 518 10.80 -15.84 -25.53
CA ILE A 518 10.34 -14.47 -25.58
C ILE A 518 8.89 -14.44 -26.07
N VAL A 519 8.01 -13.90 -25.24
CA VAL A 519 6.58 -13.91 -25.51
C VAL A 519 6.06 -12.51 -25.82
N ILE A 520 5.58 -12.31 -27.03
CA ILE A 520 5.05 -11.01 -27.43
C ILE A 520 3.54 -10.95 -27.17
N LEU A 521 3.13 -9.96 -26.39
CA LEU A 521 1.75 -9.85 -25.95
C LEU A 521 1.02 -8.64 -26.55
N PRO A 522 -0.27 -8.80 -26.87
CA PRO A 522 -1.10 -7.71 -27.36
C PRO A 522 -1.68 -6.88 -26.22
N GLY A 523 -0.82 -6.33 -25.39
CA GLY A 523 -1.26 -5.53 -24.26
C GLY A 523 -1.87 -6.38 -23.15
N LYS A 524 -2.80 -5.80 -22.41
CA LYS A 524 -3.42 -6.46 -21.28
C LYS A 524 -4.20 -7.71 -21.73
N THR A 525 -3.78 -8.87 -21.23
CA THR A 525 -4.36 -10.14 -21.65
C THR A 525 -4.18 -11.23 -20.60
N PRO A 526 -5.17 -12.14 -20.50
CA PRO A 526 -5.05 -13.30 -19.61
C PRO A 526 -3.88 -14.20 -19.98
N VAL A 527 -3.31 -14.02 -21.16
CA VAL A 527 -2.17 -14.82 -21.61
C VAL A 527 -0.96 -14.67 -20.68
N TYR A 528 -0.72 -13.45 -20.19
CA TYR A 528 0.45 -13.21 -19.32
C TYR A 528 0.44 -14.10 -18.08
N ALA A 529 -0.70 -14.15 -17.39
CA ALA A 529 -0.82 -14.95 -16.19
C ALA A 529 -0.56 -16.42 -16.50
N GLU A 530 -1.07 -16.88 -17.64
CA GLU A 530 -0.87 -18.26 -18.05
C GLU A 530 0.57 -18.55 -18.42
N VAL A 531 1.23 -17.61 -19.09
CA VAL A 531 2.65 -17.74 -19.43
C VAL A 531 3.49 -17.95 -18.17
N LYS A 532 3.20 -17.16 -17.14
CA LYS A 532 3.93 -17.27 -15.88
C LYS A 532 3.57 -18.52 -15.10
N ARG A 533 2.30 -18.93 -15.14
CA ARG A 533 1.88 -20.16 -14.49
C ARG A 533 2.63 -21.36 -15.09
N VAL A 534 2.56 -21.49 -16.41
CA VAL A 534 3.18 -22.60 -17.10
C VAL A 534 4.70 -22.54 -16.97
N GLY A 535 5.26 -21.35 -17.14
CA GLY A 535 6.69 -21.16 -17.09
C GLY A 535 7.28 -21.34 -15.71
N ASP A 536 6.77 -20.60 -14.73
CA ASP A 536 7.32 -20.61 -13.38
C ASP A 536 6.96 -21.86 -12.57
N THR A 537 5.71 -22.31 -12.65
CA THR A 537 5.23 -23.33 -11.73
C THR A 537 5.12 -24.73 -12.35
N LEU A 538 4.76 -24.79 -13.63
CA LEU A 538 4.49 -26.08 -14.27
C LEU A 538 5.72 -26.70 -14.91
N LEU A 539 6.38 -25.95 -15.78
CA LEU A 539 7.46 -26.51 -16.60
C LEU A 539 8.86 -26.07 -16.18
N GLY A 540 8.95 -24.97 -15.44
CA GLY A 540 10.25 -24.46 -15.01
C GLY A 540 11.08 -23.92 -16.16
N MET A 541 10.49 -23.04 -16.96
CA MET A 541 11.19 -22.46 -18.10
C MET A 541 11.21 -20.94 -18.00
N ALA A 542 12.37 -20.36 -18.33
CA ALA A 542 12.52 -18.91 -18.32
C ALA A 542 11.71 -18.26 -19.43
N THR A 543 10.95 -17.23 -19.08
CA THR A 543 10.15 -16.49 -20.06
C THR A 543 10.36 -15.00 -19.90
N GLN A 544 10.30 -14.28 -21.03
CA GLN A 544 10.37 -12.83 -21.02
C GLN A 544 9.30 -12.24 -21.93
N CYS A 545 8.31 -11.60 -21.34
CA CYS A 545 7.21 -11.04 -22.12
C CYS A 545 7.53 -9.61 -22.57
N VAL A 546 6.99 -9.23 -23.72
CA VAL A 546 7.16 -7.89 -24.27
C VAL A 546 5.87 -7.45 -24.95
N GLN A 547 5.42 -6.22 -24.68
CA GLN A 547 4.25 -5.67 -25.35
C GLN A 547 4.54 -5.51 -26.84
N VAL A 548 3.51 -5.69 -27.66
CA VAL A 548 3.66 -5.60 -29.10
C VAL A 548 4.08 -4.19 -29.53
N LYS A 549 3.61 -3.18 -28.80
CA LYS A 549 3.96 -1.80 -29.11
C LYS A 549 5.47 -1.58 -28.98
N ASN A 550 6.10 -2.36 -28.10
CA ASN A 550 7.54 -2.27 -27.92
C ASN A 550 8.29 -3.16 -28.88
N VAL A 551 7.55 -3.97 -29.63
CA VAL A 551 8.14 -4.77 -30.70
C VAL A 551 8.06 -3.99 -32.01
N VAL A 552 6.92 -3.36 -32.25
CA VAL A 552 6.73 -2.54 -33.44
C VAL A 552 7.66 -1.33 -33.40
N LYS A 553 7.61 -0.58 -32.31
CA LYS A 553 8.50 0.56 -32.12
C LYS A 553 9.61 0.19 -31.14
N THR A 554 10.78 -0.14 -31.67
CA THR A 554 11.91 -0.54 -30.83
C THR A 554 12.80 0.66 -30.51
N SER A 555 13.22 0.76 -29.26
CA SER A 555 14.18 1.76 -28.84
C SER A 555 15.31 1.10 -28.07
N PRO A 556 16.55 1.57 -28.29
CA PRO A 556 17.72 0.99 -27.61
C PRO A 556 17.58 0.99 -26.09
N GLN A 557 16.97 2.04 -25.55
CA GLN A 557 16.75 2.16 -24.11
C GLN A 557 15.86 1.04 -23.58
N THR A 558 14.71 0.84 -24.23
CA THR A 558 13.79 -0.23 -23.85
C THR A 558 14.44 -1.60 -23.98
N LEU A 559 15.10 -1.83 -25.11
CA LEU A 559 15.79 -3.10 -25.36
C LEU A 559 16.88 -3.35 -24.32
N SER A 560 17.62 -2.30 -23.98
CA SER A 560 18.66 -2.41 -22.98
C SER A 560 18.08 -2.83 -21.63
N ASN A 561 16.96 -2.23 -21.25
CA ASN A 561 16.29 -2.59 -20.01
C ASN A 561 15.78 -4.02 -20.04
N LEU A 562 15.38 -4.47 -21.23
CA LEU A 562 14.92 -5.84 -21.40
C LEU A 562 16.05 -6.80 -21.10
N CYS A 563 17.25 -6.47 -21.58
CA CYS A 563 18.42 -7.33 -21.39
C CYS A 563 18.82 -7.48 -19.92
N LEU A 564 18.61 -6.42 -19.14
CA LEU A 564 18.89 -6.47 -17.70
C LEU A 564 18.13 -7.61 -17.06
N LYS A 565 16.85 -7.73 -17.40
CA LYS A 565 16.00 -8.77 -16.83
C LYS A 565 16.40 -10.15 -17.35
N ILE A 566 16.58 -10.24 -18.67
CA ILE A 566 16.92 -11.52 -19.31
C ILE A 566 18.20 -12.13 -18.76
N ASN A 567 19.25 -11.33 -18.62
CA ASN A 567 20.52 -11.85 -18.11
C ASN A 567 20.38 -12.46 -16.73
N VAL A 568 19.65 -11.77 -15.86
CA VAL A 568 19.42 -12.23 -14.50
C VAL A 568 18.57 -13.49 -14.47
N LYS A 569 17.54 -13.53 -15.30
CA LYS A 569 16.66 -14.70 -15.38
C LYS A 569 17.42 -15.94 -15.83
N LEU A 570 18.49 -15.74 -16.58
CA LEU A 570 19.27 -16.84 -17.12
C LEU A 570 20.48 -17.17 -16.24
N GLY A 571 20.54 -16.54 -15.07
CA GLY A 571 21.56 -16.88 -14.09
C GLY A 571 22.79 -15.97 -14.09
N GLY A 572 22.70 -14.84 -14.77
CA GLY A 572 23.83 -13.94 -14.87
C GLY A 572 23.87 -12.93 -13.74
N ILE A 573 24.93 -12.13 -13.70
CA ILE A 573 25.07 -11.04 -12.76
C ILE A 573 25.31 -9.75 -13.54
N ASN A 574 24.44 -8.78 -13.35
CA ASN A 574 24.51 -7.54 -14.14
C ASN A 574 25.68 -6.68 -13.71
N ASN A 575 25.80 -6.48 -12.40
CA ASN A 575 26.92 -5.76 -11.82
C ASN A 575 26.97 -6.03 -10.33
N ILE A 576 28.05 -5.60 -9.68
CA ILE A 576 28.15 -5.72 -8.24
C ILE A 576 28.58 -4.40 -7.61
N LEU A 577 28.34 -4.25 -6.32
CA LEU A 577 28.90 -3.14 -5.57
C LEU A 577 30.41 -3.34 -5.53
N VAL A 578 31.17 -2.28 -5.72
CA VAL A 578 32.61 -2.36 -5.53
C VAL A 578 32.87 -2.85 -4.11
N PRO A 579 33.52 -4.01 -3.99
CA PRO A 579 33.62 -4.78 -2.74
C PRO A 579 34.25 -4.03 -1.56
N HIS A 580 35.32 -3.28 -1.81
CA HIS A 580 36.07 -2.66 -0.73
C HIS A 580 35.40 -1.40 -0.17
N GLN A 581 34.25 -1.03 -0.74
CA GLN A 581 33.53 0.15 -0.29
C GLN A 581 32.19 -0.23 0.33
N ARG A 582 32.20 -1.30 1.11
CA ARG A 582 30.98 -1.80 1.76
C ARG A 582 31.17 -1.89 3.26
N SER A 583 30.08 -2.18 3.97
CA SER A 583 30.11 -2.37 5.41
C SER A 583 31.02 -3.53 5.82
N ALA A 584 31.50 -3.49 7.06
CA ALA A 584 32.40 -4.51 7.57
C ALA A 584 31.70 -5.85 7.79
N VAL A 585 30.37 -5.85 7.71
CA VAL A 585 29.60 -7.07 7.89
C VAL A 585 29.91 -8.11 6.80
N PHE A 586 30.44 -7.63 5.68
CA PHE A 586 30.78 -8.52 4.57
C PHE A 586 32.07 -9.30 4.82
N GLN A 587 32.75 -8.99 5.91
CA GLN A 587 33.97 -9.69 6.28
C GLN A 587 33.65 -11.10 6.79
N GLN A 588 32.37 -11.33 7.08
CA GLN A 588 31.88 -12.65 7.45
C GLN A 588 30.68 -12.97 6.56
N PRO A 589 30.33 -14.27 6.44
CA PRO A 589 29.16 -14.62 5.63
C PRO A 589 27.89 -13.96 6.18
N VAL A 590 27.20 -13.21 5.33
CA VAL A 590 25.99 -12.51 5.73
C VAL A 590 24.89 -12.73 4.70
N ILE A 591 23.67 -12.98 5.16
CA ILE A 591 22.55 -13.12 4.26
C ILE A 591 21.56 -11.96 4.43
N PHE A 592 21.10 -11.43 3.30
CA PHE A 592 20.12 -10.35 3.31
C PHE A 592 18.74 -10.88 2.95
N LEU A 593 17.77 -10.60 3.81
CA LEU A 593 16.41 -11.05 3.60
C LEU A 593 15.49 -9.87 3.33
N GLY A 594 14.54 -10.07 2.41
CA GLY A 594 13.49 -9.11 2.16
C GLY A 594 12.15 -9.79 2.31
N ALA A 595 11.21 -9.14 3.00
CA ALA A 595 9.92 -9.75 3.24
C ALA A 595 8.75 -8.80 2.99
N ASP A 596 7.68 -9.33 2.42
CA ASP A 596 6.51 -8.52 2.11
C ASP A 596 5.24 -9.35 2.25
N VAL A 597 4.14 -8.67 2.55
CA VAL A 597 2.83 -9.30 2.62
C VAL A 597 1.86 -8.48 1.80
N THR A 598 1.14 -9.14 0.89
CA THR A 598 0.13 -8.46 0.10
C THR A 598 -1.25 -9.04 0.39
N HIS A 599 -2.21 -8.16 0.63
CA HIS A 599 -3.57 -8.58 0.97
C HIS A 599 -4.48 -8.46 -0.24
N PRO A 600 -5.51 -9.32 -0.32
CA PRO A 600 -6.43 -9.28 -1.46
C PRO A 600 -7.23 -7.97 -1.48
N PRO A 601 -7.62 -7.51 -2.67
CA PRO A 601 -8.41 -6.28 -2.81
C PRO A 601 -9.79 -6.43 -2.17
N ALA A 602 -10.46 -5.30 -1.94
CA ALA A 602 -11.79 -5.31 -1.34
C ALA A 602 -12.80 -5.95 -2.27
N LYS A 606 -12.54 -14.33 -0.01
CA LYS A 606 -12.26 -15.34 -1.01
C LYS A 606 -10.75 -15.55 -1.19
N LYS A 607 -10.09 -14.56 -1.79
CA LYS A 607 -8.67 -14.66 -2.10
C LYS A 607 -7.79 -14.57 -0.85
N PRO A 608 -6.68 -15.31 -0.83
CA PRO A 608 -5.79 -15.32 0.33
C PRO A 608 -4.84 -14.14 0.35
N SER A 609 -4.19 -13.91 1.49
CA SER A 609 -3.06 -13.00 1.54
C SER A 609 -1.82 -13.77 1.09
N ILE A 610 -0.82 -13.03 0.61
CA ILE A 610 0.39 -13.66 0.10
C ILE A 610 1.61 -13.17 0.86
N THR A 611 2.45 -14.10 1.30
CA THR A 611 3.70 -13.74 1.94
C THR A 611 4.88 -14.12 1.07
N ALA A 612 5.90 -13.28 1.07
CA ALA A 612 7.08 -13.52 0.26
C ALA A 612 8.33 -13.15 1.04
N VAL A 613 9.30 -14.04 1.04
CA VAL A 613 10.60 -13.78 1.63
C VAL A 613 11.69 -14.19 0.64
N VAL A 614 12.57 -13.26 0.33
CA VAL A 614 13.70 -13.54 -0.56
C VAL A 614 14.99 -13.50 0.24
N GLY A 615 16.03 -14.17 -0.26
CA GLY A 615 17.31 -14.21 0.42
C GLY A 615 18.49 -14.16 -0.53
N SER A 616 19.49 -13.37 -0.18
CA SER A 616 20.70 -13.26 -0.99
C SER A 616 21.41 -14.61 -1.05
N MET A 617 22.11 -14.86 -2.15
CA MET A 617 22.73 -16.16 -2.38
C MET A 617 24.20 -16.06 -2.74
N ASP A 618 24.77 -14.88 -2.54
CA ASP A 618 26.20 -14.66 -2.73
C ASP A 618 26.65 -13.52 -1.84
N ALA A 619 27.93 -13.19 -1.89
CA ALA A 619 28.48 -12.17 -0.99
C ALA A 619 28.54 -10.77 -1.61
N HIS A 620 27.92 -10.60 -2.77
CA HIS A 620 28.02 -9.33 -3.49
C HIS A 620 27.33 -8.12 -2.84
N PRO A 621 26.04 -8.23 -2.47
CA PRO A 621 25.06 -9.30 -2.72
C PRO A 621 24.29 -9.01 -4.00
N SER A 622 24.14 -10.02 -4.86
CA SER A 622 23.53 -9.81 -6.16
C SER A 622 22.34 -10.73 -6.41
N ARG A 623 22.58 -12.03 -6.42
CA ARG A 623 21.53 -13.00 -6.72
C ARG A 623 20.69 -13.32 -5.49
N TYR A 624 19.38 -13.48 -5.70
CA TYR A 624 18.45 -13.81 -4.63
C TYR A 624 17.58 -15.01 -4.99
N CYS A 625 17.22 -15.81 -3.99
CA CYS A 625 16.23 -16.87 -4.16
C CYS A 625 14.96 -16.48 -3.42
N ALA A 626 13.82 -16.98 -3.89
CA ALA A 626 12.53 -16.57 -3.35
C ALA A 626 11.76 -17.71 -2.69
N THR A 627 11.02 -17.36 -1.63
CA THR A 627 10.01 -18.25 -1.06
C THR A 627 8.70 -17.49 -1.02
N VAL A 628 7.59 -18.21 -1.15
CA VAL A 628 6.28 -17.57 -1.19
C VAL A 628 5.21 -18.50 -0.63
N ARG A 629 4.24 -17.93 0.08
CA ARG A 629 3.17 -18.70 0.70
C ARG A 629 1.84 -17.98 0.60
N VAL A 630 0.75 -18.72 0.73
CA VAL A 630 -0.56 -18.11 0.94
C VAL A 630 -0.93 -18.29 2.40
N GLN A 631 -1.81 -17.42 2.90
CA GLN A 631 -2.27 -17.52 4.29
C GLN A 631 -3.61 -16.82 4.44
N ARG A 632 -4.16 -16.85 5.65
CA ARG A 632 -5.44 -16.22 5.97
C ARG A 632 -5.49 -14.78 5.48
N PRO A 633 -6.60 -14.40 4.82
CA PRO A 633 -6.78 -13.05 4.30
C PRO A 633 -6.61 -11.98 5.37
N ARG A 634 -5.85 -10.93 5.03
CA ARG A 634 -5.65 -9.76 5.90
C ARG A 634 -4.77 -10.01 7.14
N GLN A 635 -4.21 -11.20 7.27
CA GLN A 635 -3.25 -11.45 8.35
C GLN A 635 -1.90 -10.79 8.02
N GLU A 636 -1.38 -10.02 8.95
CA GLU A 636 -0.16 -9.25 8.71
C GLU A 636 1.11 -10.05 9.03
N ILE A 637 1.07 -10.81 10.10
CA ILE A 637 2.19 -11.66 10.49
C ILE A 637 2.47 -12.72 9.42
N ILE A 638 3.73 -12.88 9.05
CA ILE A 638 4.12 -13.94 8.14
C ILE A 638 4.10 -15.27 8.87
N GLU A 639 2.99 -16.01 8.70
CA GLU A 639 2.73 -17.23 9.44
C GLU A 639 3.83 -18.29 9.28
N ASP A 640 4.30 -18.46 8.05
CA ASP A 640 5.23 -19.54 7.73
C ASP A 640 6.69 -19.07 7.70
N LEU A 641 6.99 -18.00 8.42
CA LEU A 641 8.31 -17.37 8.33
C LEU A 641 9.47 -18.30 8.68
N SER A 642 9.31 -19.10 9.73
CA SER A 642 10.36 -20.00 10.16
C SER A 642 10.76 -20.98 9.05
N TYR A 643 9.76 -21.63 8.46
CA TYR A 643 9.99 -22.54 7.34
C TYR A 643 10.65 -21.79 6.18
N MET A 644 10.11 -20.62 5.85
CA MET A 644 10.62 -19.84 4.73
C MET A 644 12.09 -19.45 4.92
N VAL A 645 12.43 -18.99 6.11
CA VAL A 645 13.80 -18.61 6.42
C VAL A 645 14.74 -19.82 6.38
N ARG A 646 14.28 -20.93 6.94
CA ARG A 646 15.06 -22.18 6.93
C ARG A 646 15.43 -22.57 5.50
N GLU A 647 14.47 -22.47 4.59
CA GLU A 647 14.72 -22.81 3.19
C GLU A 647 15.80 -21.91 2.59
N LEU A 648 15.74 -20.62 2.92
CA LEU A 648 16.70 -19.66 2.39
C LEU A 648 18.11 -19.88 2.97
N LEU A 649 18.17 -20.18 4.25
CA LEU A 649 19.44 -20.44 4.90
C LEU A 649 20.09 -21.68 4.31
N ILE A 650 19.27 -22.71 4.11
CA ILE A 650 19.72 -23.93 3.48
C ILE A 650 20.25 -23.69 2.07
N GLN A 651 19.52 -22.90 1.29
CA GLN A 651 19.94 -22.60 -0.08
C GLN A 651 21.20 -21.75 -0.11
N PHE A 652 21.31 -20.82 0.84
CA PHE A 652 22.50 -19.99 0.97
C PHE A 652 23.75 -20.85 1.20
N TYR A 653 23.61 -21.85 2.06
CA TYR A 653 24.72 -22.75 2.34
C TYR A 653 25.07 -23.58 1.11
N LYS A 654 24.05 -24.01 0.37
CA LYS A 654 24.27 -24.78 -0.86
C LYS A 654 25.04 -23.94 -1.89
N SER A 655 24.70 -22.67 -1.98
CA SER A 655 25.29 -21.79 -2.99
C SER A 655 26.68 -21.31 -2.62
N THR A 656 26.92 -21.08 -1.33
CA THR A 656 28.16 -20.44 -0.89
C THR A 656 29.06 -21.36 -0.08
N ARG A 657 28.50 -22.47 0.40
CA ARG A 657 29.17 -23.35 1.35
C ARG A 657 29.52 -22.63 2.65
N PHE A 658 28.77 -21.57 2.94
CA PHE A 658 28.97 -20.81 4.16
C PHE A 658 27.69 -20.75 4.99
N LYS A 659 27.86 -20.89 6.31
CA LYS A 659 26.79 -20.63 7.26
C LYS A 659 26.81 -19.15 7.59
N PRO A 660 25.69 -18.46 7.35
CA PRO A 660 25.59 -17.02 7.66
C PRO A 660 25.81 -16.76 9.15
N THR A 661 26.70 -15.83 9.48
CA THR A 661 26.89 -15.46 10.88
C THR A 661 25.98 -14.28 11.24
N ARG A 662 25.45 -13.63 10.20
CA ARG A 662 24.57 -12.49 10.40
C ARG A 662 23.39 -12.53 9.43
N ILE A 663 22.23 -12.11 9.92
CA ILE A 663 21.03 -12.02 9.10
C ILE A 663 20.48 -10.60 9.14
N ILE A 664 20.42 -9.97 7.96
CA ILE A 664 19.90 -8.61 7.86
C ILE A 664 18.52 -8.64 7.19
N PHE A 665 17.50 -8.33 7.96
CA PHE A 665 16.11 -8.57 7.56
C PHE A 665 15.35 -7.28 7.32
N TYR A 666 15.07 -6.99 6.05
CA TYR A 666 14.25 -5.82 5.69
C TYR A 666 12.80 -6.24 5.49
N ARG A 667 11.92 -5.70 6.32
CA ARG A 667 10.50 -6.06 6.32
C ARG A 667 9.68 -4.93 5.74
N ASP A 668 8.96 -5.20 4.66
CA ASP A 668 8.20 -4.14 4.01
C ASP A 668 6.99 -3.76 4.86
N GLY A 669 6.63 -2.47 4.78
CA GLY A 669 5.66 -1.82 5.63
C GLY A 669 4.56 -2.62 6.32
N VAL A 670 4.38 -2.34 7.60
CA VAL A 670 3.25 -2.85 8.36
C VAL A 670 2.59 -1.67 9.05
N PRO A 671 1.29 -1.78 9.35
CA PRO A 671 0.63 -0.74 10.15
C PRO A 671 1.33 -0.61 11.50
N GLU A 672 1.60 0.62 11.92
CA GLU A 672 2.35 0.86 13.15
C GLU A 672 1.58 0.37 14.39
N GLY A 673 0.26 0.27 14.26
CA GLY A 673 -0.57 -0.20 15.34
C GLY A 673 -0.34 -1.67 15.66
N GLN A 674 0.25 -2.39 14.71
CA GLN A 674 0.50 -3.81 14.87
C GLN A 674 2.00 -4.11 14.92
N LEU A 675 2.81 -3.06 14.83
CA LEU A 675 4.26 -3.20 14.76
C LEU A 675 4.93 -4.00 15.90
N PRO A 676 4.57 -3.73 17.17
CA PRO A 676 5.22 -4.53 18.22
C PRO A 676 4.86 -6.01 18.13
N GLN A 677 3.66 -6.30 17.63
CA GLN A 677 3.21 -7.68 17.49
C GLN A 677 3.94 -8.38 16.35
N ILE A 678 4.13 -7.67 15.25
CA ILE A 678 4.83 -8.24 14.09
C ILE A 678 6.27 -8.60 14.45
N LEU A 679 6.96 -7.66 15.08
CA LEU A 679 8.35 -7.88 15.48
C LEU A 679 8.48 -9.09 16.39
N HIS A 680 7.63 -9.16 17.41
CA HIS A 680 7.72 -10.22 18.41
C HIS A 680 7.66 -11.61 17.79
N TYR A 681 6.60 -11.88 17.04
CA TYR A 681 6.39 -13.21 16.48
C TYR A 681 7.38 -13.53 15.35
N GLU A 682 7.75 -12.54 14.56
CA GLU A 682 8.64 -12.78 13.43
C GLU A 682 10.10 -12.91 13.83
N LEU A 683 10.53 -12.15 14.83
CA LEU A 683 11.87 -12.31 15.38
C LEU A 683 12.03 -13.70 16.00
N LEU A 684 10.99 -14.14 16.70
CA LEU A 684 10.97 -15.50 17.25
C LEU A 684 11.07 -16.53 16.12
N ALA A 685 10.34 -16.30 15.04
CA ALA A 685 10.31 -17.22 13.91
C ALA A 685 11.68 -17.34 13.23
N ILE A 686 12.37 -16.22 13.09
CA ILE A 686 13.71 -16.22 12.50
C ILE A 686 14.67 -16.99 13.39
N ARG A 687 14.59 -16.74 14.70
CA ARG A 687 15.39 -17.47 15.67
C ARG A 687 15.04 -18.94 15.66
N ASP A 688 13.75 -19.24 15.55
CA ASP A 688 13.26 -20.61 15.51
C ASP A 688 13.87 -21.38 14.34
N ALA A 689 13.92 -20.72 13.19
CA ALA A 689 14.48 -21.32 11.98
C ALA A 689 15.94 -21.71 12.17
N CYS A 690 16.70 -20.85 12.84
CA CYS A 690 18.12 -21.08 13.07
C CYS A 690 18.36 -22.25 14.02
N ILE A 691 17.61 -22.29 15.12
CA ILE A 691 17.76 -23.34 16.12
C ILE A 691 17.36 -24.70 15.57
N LYS A 692 16.36 -24.73 14.70
CA LYS A 692 15.91 -25.98 14.11
C LYS A 692 16.91 -26.53 13.09
N LEU A 693 17.76 -25.67 12.56
CA LEU A 693 18.85 -26.11 11.70
C LEU A 693 19.97 -26.71 12.54
N GLU A 694 20.31 -26.02 13.63
CA GLU A 694 21.31 -26.52 14.57
C GLU A 694 21.03 -25.87 15.93
N LYS A 695 21.09 -26.68 16.99
CA LYS A 695 20.70 -26.26 18.34
C LYS A 695 21.34 -24.97 18.84
N ASP A 696 22.60 -24.75 18.50
CA ASP A 696 23.32 -23.58 19.00
C ASP A 696 23.58 -22.53 17.93
N TYR A 697 22.88 -22.64 16.81
CA TYR A 697 23.02 -21.68 15.73
C TYR A 697 22.29 -20.38 16.07
N GLN A 698 23.06 -19.36 16.44
CA GLN A 698 22.50 -18.07 16.81
C GLN A 698 23.20 -16.92 16.08
N PRO A 699 22.88 -16.73 14.80
CA PRO A 699 23.49 -15.63 14.03
C PRO A 699 22.96 -14.28 14.49
N GLY A 700 23.76 -13.22 14.32
CA GLY A 700 23.33 -11.89 14.67
C GLY A 700 22.24 -11.37 13.76
N ILE A 701 21.10 -11.01 14.34
CA ILE A 701 19.94 -10.58 13.56
C ILE A 701 19.73 -9.07 13.61
N THR A 702 19.60 -8.46 12.45
CA THR A 702 19.18 -7.07 12.36
C THR A 702 17.83 -7.01 11.66
N TYR A 703 16.82 -6.51 12.38
CA TYR A 703 15.45 -6.47 11.88
C TYR A 703 15.07 -5.03 11.57
N ILE A 704 14.86 -4.74 10.28
CA ILE A 704 14.55 -3.37 9.85
C ILE A 704 13.21 -3.31 9.13
N VAL A 705 12.33 -2.45 9.61
CA VAL A 705 11.06 -2.22 8.92
C VAL A 705 11.21 -1.05 7.95
N VAL A 706 10.89 -1.27 6.68
CA VAL A 706 10.92 -0.21 5.69
C VAL A 706 9.50 0.20 5.32
N GLN A 707 9.21 1.49 5.43
CA GLN A 707 7.86 1.99 5.24
C GLN A 707 7.81 3.14 4.23
N LYS A 708 6.94 3.00 3.24
CA LYS A 708 6.69 4.05 2.25
C LYS A 708 5.33 4.71 2.49
N ARG A 709 4.43 3.96 3.12
CA ARG A 709 3.06 4.46 3.33
C ARG A 709 2.96 5.29 4.59
N HIS A 710 3.57 6.48 4.55
CA HIS A 710 3.47 7.45 5.63
C HIS A 710 3.36 8.82 4.99
N HIS A 711 3.17 9.85 5.80
CA HIS A 711 2.97 11.18 5.25
C HIS A 711 4.06 12.17 5.67
N THR A 712 5.26 11.67 5.90
CA THR A 712 6.41 12.52 6.16
C THR A 712 6.93 13.05 4.83
N ARG A 713 6.96 14.36 4.69
CA ARG A 713 7.43 14.98 3.45
C ARG A 713 8.63 15.86 3.73
N LEU A 714 9.65 15.74 2.88
CA LEU A 714 10.86 16.54 3.02
C LEU A 714 11.04 17.43 1.80
N PHE A 715 11.27 18.72 2.05
CA PHE A 715 11.44 19.68 0.95
C PHE A 715 12.78 20.39 1.09
N CYS A 716 13.38 20.72 -0.05
CA CYS A 716 14.57 21.56 -0.06
C CYS A 716 14.23 22.93 0.52
N ALA A 717 14.98 23.37 1.52
CA ALA A 717 14.79 24.69 2.10
C ALA A 717 15.32 25.75 1.13
N ASP A 718 16.40 25.40 0.44
CA ASP A 718 16.97 26.27 -0.59
C ASP A 718 16.38 25.86 -1.93
N LYS A 719 15.56 26.74 -2.51
CA LYS A 719 14.78 26.38 -3.69
C LYS A 719 15.61 26.06 -4.92
N ASN A 720 16.89 26.45 -4.88
CA ASN A 720 17.79 26.16 -6.00
C ASN A 720 18.30 24.72 -5.98
N GLU A 721 18.15 24.06 -4.84
CA GLU A 721 18.58 22.66 -4.71
C GLU A 721 17.49 21.68 -5.14
N ARG A 722 16.33 22.22 -5.49
CA ARG A 722 15.24 21.41 -6.01
C ARG A 722 15.65 20.81 -7.35
N ILE A 723 15.41 19.51 -7.52
CA ILE A 723 15.84 18.81 -8.73
C ILE A 723 14.70 18.52 -9.68
N GLY A 724 14.88 18.93 -10.94
CA GLY A 724 13.94 18.60 -12.00
C GLY A 724 12.63 19.36 -11.92
N LYS A 725 11.70 19.00 -12.79
CA LYS A 725 10.41 19.67 -12.84
C LYS A 725 9.62 19.44 -11.55
N SER A 726 9.77 18.25 -10.97
CA SER A 726 9.05 17.92 -9.75
C SER A 726 9.68 18.61 -8.54
N GLY A 727 10.93 19.05 -8.69
CA GLY A 727 11.61 19.85 -7.69
C GLY A 727 11.79 19.17 -6.34
N ASN A 728 12.13 17.88 -6.37
CA ASN A 728 12.32 17.11 -5.14
C ASN A 728 13.75 17.13 -4.60
N ILE A 729 13.91 16.60 -3.39
CA ILE A 729 15.22 16.45 -2.77
C ILE A 729 16.07 15.45 -3.54
N PRO A 730 17.41 15.61 -3.49
CA PRO A 730 18.30 14.70 -4.22
C PRO A 730 18.31 13.28 -3.66
N ALA A 731 18.62 12.31 -4.50
CA ALA A 731 18.73 10.93 -4.07
C ALA A 731 19.83 10.81 -3.02
N GLY A 732 19.54 10.06 -1.96
CA GLY A 732 20.51 9.87 -0.89
C GLY A 732 20.28 10.78 0.30
N THR A 733 19.25 11.63 0.22
CA THR A 733 18.93 12.55 1.32
C THR A 733 18.47 11.79 2.56
N THR A 734 19.18 11.97 3.66
CA THR A 734 18.96 11.21 4.88
C THR A 734 18.65 12.11 6.08
N VAL A 735 17.66 11.72 6.86
CA VAL A 735 17.29 12.45 8.06
C VAL A 735 17.21 11.50 9.24
N ASP A 736 17.98 11.78 10.29
CA ASP A 736 17.87 10.99 11.53
C ASP A 736 17.88 11.89 12.76
N THR A 737 17.43 13.13 12.58
CA THR A 737 17.30 14.09 13.68
C THR A 737 16.01 14.87 13.55
N ASN A 738 15.63 15.56 14.63
CA ASN A 738 14.55 16.56 14.62
C ASN A 738 13.11 16.05 14.52
N ILE A 739 12.86 15.16 13.57
CA ILE A 739 11.49 14.67 13.35
C ILE A 739 11.39 13.18 13.58
N THR A 740 12.50 12.58 13.99
CA THR A 740 12.55 11.15 14.25
C THR A 740 12.27 10.85 15.73
N HIS A 741 12.25 9.56 16.08
CA HIS A 741 11.95 9.16 17.44
C HIS A 741 12.98 9.69 18.43
N PRO A 742 12.54 10.14 19.61
CA PRO A 742 13.39 10.74 20.64
C PRO A 742 14.53 9.84 21.15
N PHE A 743 14.36 8.52 21.16
CA PHE A 743 15.45 7.66 21.62
C PHE A 743 15.61 6.33 20.87
N GLU A 744 14.63 5.99 20.03
CA GLU A 744 14.74 4.76 19.25
C GLU A 744 15.47 4.97 17.93
N PHE A 745 15.78 3.88 17.24
CA PHE A 745 16.67 3.90 16.08
C PHE A 745 15.87 3.88 14.77
N ASP A 746 15.45 5.06 14.32
CA ASP A 746 14.75 5.18 13.06
C ASP A 746 15.29 6.33 12.22
N PHE A 747 15.21 6.20 10.90
CA PHE A 747 15.68 7.26 10.01
C PHE A 747 14.92 7.28 8.69
N TYR A 748 14.90 8.45 8.06
CA TYR A 748 14.37 8.56 6.71
C TYR A 748 15.52 8.60 5.73
N LEU A 749 15.38 7.84 4.65
CA LEU A 749 16.34 7.88 3.56
C LEU A 749 15.59 7.92 2.24
N CYS A 750 15.71 9.04 1.54
CA CYS A 750 15.15 9.15 0.19
C CYS A 750 16.23 8.73 -0.79
N SER A 751 16.22 7.46 -1.17
CA SER A 751 17.30 6.87 -1.95
C SER A 751 17.13 7.10 -3.45
N HIS A 752 15.96 7.54 -3.86
CA HIS A 752 15.63 7.62 -5.28
C HIS A 752 15.53 9.06 -5.79
N ALA A 753 15.80 9.23 -7.08
CA ALA A 753 15.56 10.50 -7.75
C ALA A 753 14.05 10.71 -7.91
N GLY A 754 13.58 11.91 -7.59
CA GLY A 754 12.18 12.22 -7.74
C GLY A 754 11.85 12.68 -9.15
N ILE A 755 11.09 11.87 -9.88
CA ILE A 755 10.76 12.20 -11.26
C ILE A 755 9.27 12.43 -11.43
N GLN A 756 8.50 12.13 -10.39
CA GLN A 756 7.05 12.24 -10.45
C GLN A 756 6.50 12.76 -9.13
N GLY A 757 5.65 13.78 -9.20
CA GLY A 757 5.01 14.35 -8.03
C GLY A 757 5.97 14.69 -6.91
N THR A 758 5.55 14.40 -5.67
CA THR A 758 6.40 14.63 -4.51
C THR A 758 6.93 13.29 -4.00
N SER A 759 8.25 13.21 -3.85
CA SER A 759 8.89 11.97 -3.39
C SER A 759 8.42 11.58 -2.00
N ARG A 760 8.40 10.27 -1.76
CA ARG A 760 8.17 9.74 -0.42
C ARG A 760 9.48 9.16 0.08
N PRO A 761 10.09 9.82 1.07
CA PRO A 761 11.32 9.26 1.63
C PRO A 761 10.98 8.00 2.41
N SER A 762 11.64 6.89 2.11
CA SER A 762 11.38 5.66 2.83
C SER A 762 11.77 5.83 4.29
N HIS A 763 10.98 5.25 5.18
CA HIS A 763 11.27 5.32 6.60
C HIS A 763 11.78 3.97 7.09
N TYR A 764 12.91 3.98 7.76
CA TYR A 764 13.51 2.75 8.25
C TYR A 764 13.48 2.70 9.77
N TYR A 765 12.94 1.61 10.31
CA TYR A 765 12.85 1.43 11.75
C TYR A 765 13.64 0.20 12.17
N VAL A 766 14.73 0.42 12.89
CA VAL A 766 15.55 -0.68 13.38
C VAL A 766 14.94 -1.25 14.66
N LEU A 767 14.22 -2.37 14.52
CA LEU A 767 13.51 -2.96 15.66
C LEU A 767 14.36 -3.94 16.46
N TRP A 768 15.48 -4.35 15.88
CA TRP A 768 16.41 -5.25 16.56
C TRP A 768 17.76 -5.22 15.87
N ASP A 769 18.84 -5.21 16.67
CA ASP A 769 20.18 -5.21 16.09
C ASP A 769 21.20 -5.90 16.99
N ASP A 770 21.48 -7.17 16.68
CA ASP A 770 22.52 -7.91 17.38
C ASP A 770 23.90 -7.50 16.87
N ASN A 771 23.94 -6.82 15.74
CA ASN A 771 25.18 -6.62 15.00
C ASN A 771 25.92 -5.30 15.24
N ARG A 772 25.44 -4.52 16.21
CA ARG A 772 26.12 -3.29 16.64
C ARG A 772 26.38 -2.30 15.51
N PHE A 773 25.41 -2.11 14.62
CA PHE A 773 25.54 -1.14 13.54
C PHE A 773 25.59 0.28 14.08
N THR A 774 26.48 1.10 13.53
CA THR A 774 26.42 2.54 13.75
C THR A 774 25.38 3.11 12.80
N ALA A 775 24.95 4.35 13.05
CA ALA A 775 23.97 5.01 12.20
C ALA A 775 24.48 5.14 10.77
N ASP A 776 25.70 5.63 10.63
CA ASP A 776 26.33 5.79 9.31
C ASP A 776 26.38 4.48 8.56
N GLU A 777 26.89 3.44 9.21
CA GLU A 777 27.08 2.15 8.60
C GLU A 777 25.78 1.55 8.07
N LEU A 778 24.74 1.57 8.89
CA LEU A 778 23.46 0.99 8.50
C LEU A 778 22.76 1.84 7.46
N GLN A 779 22.87 3.16 7.58
CA GLN A 779 22.29 4.07 6.61
C GLN A 779 22.95 3.92 5.23
N ILE A 780 24.27 3.80 5.23
CA ILE A 780 25.00 3.62 3.98
C ILE A 780 24.73 2.25 3.35
N LEU A 781 24.73 1.21 4.19
CA LEU A 781 24.41 -0.14 3.73
C LEU A 781 23.03 -0.17 3.08
N THR A 782 22.06 0.46 3.73
CA THR A 782 20.71 0.52 3.21
C THR A 782 20.69 1.24 1.86
N TYR A 783 21.45 2.33 1.76
CA TYR A 783 21.54 3.08 0.52
C TYR A 783 22.15 2.24 -0.60
N GLN A 784 23.23 1.53 -0.29
CA GLN A 784 23.92 0.70 -1.27
C GLN A 784 23.02 -0.41 -1.81
N LEU A 785 22.21 -1.00 -0.93
CA LEU A 785 21.28 -2.06 -1.34
C LEU A 785 20.24 -1.54 -2.33
N CYS A 786 19.97 -0.24 -2.28
CA CYS A 786 19.05 0.40 -3.21
C CYS A 786 19.68 0.53 -4.59
N HIS A 787 20.98 0.25 -4.66
CA HIS A 787 21.71 0.28 -5.94
C HIS A 787 21.97 -1.11 -6.49
N THR A 788 21.42 -2.14 -5.85
CA THR A 788 21.67 -3.52 -6.29
C THR A 788 20.45 -4.13 -6.97
N TYR A 789 19.50 -3.29 -7.35
CA TYR A 789 18.25 -3.72 -7.96
C TYR A 789 18.44 -3.89 -9.46
N VAL A 790 18.28 -5.12 -9.95
CA VAL A 790 18.71 -5.49 -11.30
C VAL A 790 17.87 -4.95 -12.46
N ARG A 791 16.64 -4.54 -12.17
CA ARG A 791 15.70 -4.15 -13.23
C ARG A 791 15.99 -2.81 -13.88
N CYS A 792 16.82 -2.00 -13.24
CA CYS A 792 17.14 -0.68 -13.76
C CYS A 792 18.48 -0.21 -13.22
N THR A 793 19.18 0.62 -14.00
CA THR A 793 20.41 1.24 -13.54
C THR A 793 20.07 2.54 -12.83
N ARG A 794 19.31 2.40 -11.75
CA ARG A 794 18.88 3.54 -10.93
C ARG A 794 18.90 3.09 -9.48
N SER A 795 19.10 4.04 -8.58
CA SER A 795 18.88 3.79 -7.17
C SER A 795 17.38 3.82 -6.92
N VAL A 796 16.84 2.72 -6.39
CA VAL A 796 15.40 2.63 -6.17
C VAL A 796 15.02 3.04 -4.74
N SER A 797 13.72 3.19 -4.51
CA SER A 797 13.20 3.81 -3.29
C SER A 797 13.27 2.94 -2.04
N ILE A 798 13.45 1.63 -2.24
CA ILE A 798 13.59 0.69 -1.13
C ILE A 798 14.70 -0.30 -1.48
N PRO A 799 15.31 -0.93 -0.46
CA PRO A 799 16.39 -1.87 -0.76
C PRO A 799 15.92 -3.01 -1.67
N ALA A 800 16.81 -3.49 -2.53
CA ALA A 800 16.47 -4.55 -3.48
C ALA A 800 15.79 -5.79 -2.86
N PRO A 801 16.27 -6.28 -1.71
CA PRO A 801 15.56 -7.43 -1.13
C PRO A 801 14.10 -7.16 -0.81
N ALA A 802 13.79 -5.97 -0.31
CA ALA A 802 12.40 -5.61 -0.04
C ALA A 802 11.62 -5.53 -1.35
N TYR A 803 12.22 -4.90 -2.35
CA TYR A 803 11.58 -4.75 -3.65
C TYR A 803 11.35 -6.11 -4.30
N TYR A 804 12.36 -6.98 -4.24
CA TYR A 804 12.25 -8.33 -4.77
C TYR A 804 11.10 -9.09 -4.11
N ALA A 805 10.94 -8.92 -2.80
CA ALA A 805 9.87 -9.58 -2.07
C ALA A 805 8.49 -9.14 -2.59
N ARG A 806 8.34 -7.85 -2.89
CA ARG A 806 7.10 -7.35 -3.47
C ARG A 806 6.80 -8.01 -4.81
N LEU A 807 7.84 -8.15 -5.64
CA LEU A 807 7.70 -8.72 -6.98
C LEU A 807 7.31 -10.19 -6.91
N VAL A 808 7.84 -10.89 -5.91
CA VAL A 808 7.53 -12.30 -5.72
C VAL A 808 6.06 -12.48 -5.32
N ALA A 809 5.60 -11.66 -4.39
CA ALA A 809 4.20 -11.70 -3.96
C ALA A 809 3.26 -11.33 -5.09
N PHE A 810 3.63 -10.30 -5.86
CA PHE A 810 2.83 -9.89 -7.01
C PHE A 810 2.75 -10.99 -8.06
N ARG A 811 3.86 -11.69 -8.28
CA ARG A 811 3.89 -12.78 -9.24
C ARG A 811 2.97 -13.93 -8.83
N ALA A 812 2.95 -14.22 -7.53
CA ALA A 812 2.10 -15.29 -7.00
C ALA A 812 0.63 -15.03 -7.29
N ARG A 813 0.25 -13.76 -7.32
CA ARG A 813 -1.13 -13.38 -7.61
C ARG A 813 -1.52 -13.80 -9.02
N TYR A 814 -0.57 -13.67 -9.95
CA TYR A 814 -0.79 -14.12 -11.33
C TYR A 814 -0.87 -15.64 -11.39
N HIS A 815 -0.04 -16.31 -10.59
CA HIS A 815 -0.07 -17.76 -10.51
C HIS A 815 -1.41 -18.26 -9.98
N LEU A 816 -2.06 -17.46 -9.15
CA LEU A 816 -3.34 -17.81 -8.53
C LEU A 816 -4.52 -17.59 -9.47
N VAL A 817 -4.28 -16.94 -10.60
CA VAL A 817 -5.32 -16.71 -11.59
C VAL A 817 -5.82 -18.05 -12.15
N ASP A 818 -7.13 -18.24 -12.14
CA ASP A 818 -7.72 -19.47 -12.64
C ASP A 818 -8.78 -19.19 -13.71
N LYS A 819 -8.77 -19.98 -14.76
CA LYS A 819 -9.73 -19.81 -15.85
C LYS A 819 -10.91 -20.77 -15.71
N ARG A 836 -9.60 -23.55 -5.10
CA ARG A 836 -10.76 -23.43 -4.22
C ARG A 836 -10.35 -23.60 -2.76
N ASP A 837 -10.08 -24.83 -2.36
CA ASP A 837 -9.64 -25.10 -0.99
C ASP A 837 -8.23 -24.55 -0.77
N PRO A 838 -7.89 -24.24 0.50
CA PRO A 838 -6.56 -23.67 0.81
C PRO A 838 -5.40 -24.52 0.31
N GLN A 839 -5.59 -25.84 0.27
CA GLN A 839 -4.53 -26.74 -0.19
C GLN A 839 -4.23 -26.53 -1.68
N ALA A 840 -5.27 -26.30 -2.46
CA ALA A 840 -5.10 -26.04 -3.88
C ALA A 840 -4.47 -24.67 -4.12
N LEU A 841 -4.83 -23.71 -3.28
CA LEU A 841 -4.28 -22.36 -3.37
C LEU A 841 -2.78 -22.38 -3.09
N ALA A 842 -2.38 -23.17 -2.09
CA ALA A 842 -0.98 -23.28 -1.71
C ALA A 842 -0.13 -23.91 -2.81
N LYS A 843 -0.69 -24.90 -3.51
CA LYS A 843 0.05 -25.56 -4.58
C LYS A 843 0.23 -24.64 -5.77
N ALA A 844 -0.73 -23.75 -5.99
CA ALA A 844 -0.71 -22.85 -7.13
C ALA A 844 0.45 -21.86 -7.10
N VAL A 845 0.99 -21.57 -5.92
CA VAL A 845 2.09 -20.62 -5.80
C VAL A 845 3.47 -21.28 -5.69
N GLN A 846 3.48 -22.62 -5.62
CA GLN A 846 4.73 -23.35 -5.60
C GLN A 846 5.37 -23.38 -6.99
N VAL A 847 6.50 -22.70 -7.14
CA VAL A 847 7.20 -22.67 -8.41
C VAL A 847 7.86 -24.02 -8.69
N HIS A 848 8.17 -24.27 -9.95
CA HIS A 848 8.79 -25.52 -10.37
C HIS A 848 10.16 -25.69 -9.73
N GLN A 849 10.64 -26.93 -9.69
CA GLN A 849 11.95 -27.24 -9.12
C GLN A 849 13.08 -26.45 -9.78
N ASP A 850 13.03 -26.34 -11.10
CA ASP A 850 14.05 -25.63 -11.85
C ASP A 850 13.85 -24.12 -11.79
N THR A 851 12.87 -23.68 -11.00
CA THR A 851 12.57 -22.27 -10.86
C THR A 851 12.99 -21.79 -9.48
N LEU A 852 12.98 -22.71 -8.51
CA LEU A 852 13.29 -22.41 -7.11
C LEU A 852 14.57 -21.60 -6.92
N ARG A 853 15.59 -21.90 -7.73
CA ARG A 853 16.90 -21.26 -7.56
C ARG A 853 17.14 -20.20 -8.62
N THR A 854 16.07 -19.63 -9.16
CA THR A 854 16.18 -18.62 -10.21
C THR A 854 15.56 -17.31 -9.75
N MET A 855 15.92 -16.22 -10.43
CA MET A 855 15.27 -14.93 -10.17
C MET A 855 14.17 -14.68 -11.20
N TYR A 856 13.21 -15.61 -11.23
CA TYR A 856 12.08 -15.58 -12.16
C TYR A 856 11.20 -14.35 -11.98
N PHE A 857 11.32 -13.71 -10.83
CA PHE A 857 10.47 -12.59 -10.47
C PHE A 857 10.95 -11.25 -11.02
N ALA A 858 12.15 -11.24 -11.59
CA ALA A 858 12.73 -10.02 -12.14
C ALA A 858 11.93 -9.51 -13.35
#